data_7OJW
#
_entry.id   7OJW
#
_cell.length_a   167.340
_cell.length_b   167.340
_cell.length_c   98.050
_cell.angle_alpha   90.000
_cell.angle_beta   90.000
_cell.angle_gamma   90.000
#
_symmetry.space_group_name_H-M   'I 41'
#
loop_
_entity.id
_entity.type
_entity.pdbx_description
1 polymer 'Acyl-[acyl-carrier-protein]-UDP-N-acetylglucosamine O-acyltransferase'
2 non-polymer 2-[2-(2-ethylphenoxy)ethanoyl-[[4-(1,2,4-triazol-1-yl)phenyl]methyl]amino]-~{N}-methyl-ethanamide
3 water water
#
_entity_poly.entity_id   1
_entity_poly.type   'polypeptide(L)'
_entity_poly.pdbx_seq_one_letter_code
;GSHMSLIDPRAIIDPSARLAADVQVGPWSIVGAEVEIGEGTVIGPHVVLKGPTKIGKHNRIYQFSSVGEDTPDLKYKGEP
TRLVIGDHNVIREGVTIHRGTVQDRAETTIGDHNLIMAYAHIGHDSVIGNHCILVNNTALAGHVHVDDWAILSGYTLVHQ
YCRIGAHSFSGMGSAIGKDVPAYVTVFGNPAEARSMNFEGMRRRGFSSEAIHALRRAYKVVYRQGHTVEEALAELAESAA
QFPEVAVFRDSIQSATRGITR
;
_entity_poly.pdbx_strand_id   A,B,C
#
# COMPACT_ATOMS: atom_id res chain seq x y z
N MET A 4 31.92 -12.78 -6.34
CA MET A 4 32.36 -13.91 -7.16
C MET A 4 31.63 -15.22 -6.82
N SER A 5 31.52 -15.56 -5.52
CA SER A 5 30.83 -16.77 -5.03
C SER A 5 29.33 -16.64 -5.31
N LEU A 6 28.68 -17.70 -5.88
CA LEU A 6 27.23 -17.62 -6.22
C LEU A 6 26.39 -17.40 -4.99
N ILE A 7 26.73 -18.07 -3.87
CA ILE A 7 26.05 -17.91 -2.59
C ILE A 7 26.90 -16.92 -1.80
N ASP A 8 26.34 -15.76 -1.51
CA ASP A 8 27.12 -14.76 -0.80
C ASP A 8 27.49 -15.30 0.59
N PRO A 9 28.74 -15.10 1.08
CA PRO A 9 29.07 -15.59 2.44
C PRO A 9 28.27 -14.97 3.60
N ARG A 10 27.57 -13.84 3.33
CA ARG A 10 26.76 -13.17 4.34
C ARG A 10 25.30 -13.69 4.33
N ALA A 11 24.97 -14.58 3.39
CA ALA A 11 23.63 -15.19 3.34
C ALA A 11 23.60 -16.36 4.32
N ILE A 12 22.39 -16.74 4.77
CA ILE A 12 22.21 -17.88 5.69
C ILE A 12 21.42 -18.93 4.91
N ILE A 13 21.99 -20.12 4.72
CA ILE A 13 21.34 -21.21 3.96
C ILE A 13 21.08 -22.35 4.95
N ASP A 14 19.82 -22.64 5.26
CA ASP A 14 19.54 -23.71 6.21
C ASP A 14 20.05 -25.06 5.66
N PRO A 15 20.57 -25.94 6.55
CA PRO A 15 21.09 -27.25 6.08
C PRO A 15 20.04 -28.11 5.37
N SER A 16 18.74 -27.93 5.67
CA SER A 16 17.70 -28.73 5.01
C SER A 16 17.28 -28.18 3.64
N ALA A 17 17.72 -26.94 3.27
CA ALA A 17 17.33 -26.36 1.98
C ALA A 17 18.03 -27.12 0.87
N ARG A 18 17.42 -27.21 -0.32
CA ARG A 18 17.97 -27.98 -1.45
C ARG A 18 18.05 -27.03 -2.63
N LEU A 19 19.27 -26.71 -3.06
CA LEU A 19 19.47 -25.74 -4.13
C LEU A 19 20.14 -26.37 -5.32
N ALA A 20 19.80 -25.90 -6.56
CA ALA A 20 20.56 -26.36 -7.72
C ALA A 20 21.93 -25.68 -7.61
N ALA A 21 22.96 -26.26 -8.23
CA ALA A 21 24.33 -25.78 -8.09
C ALA A 21 24.54 -24.33 -8.50
N ASP A 22 23.77 -23.81 -9.48
CA ASP A 22 24.06 -22.46 -9.98
C ASP A 22 23.17 -21.39 -9.36
N VAL A 23 22.41 -21.72 -8.32
CA VAL A 23 21.55 -20.73 -7.68
C VAL A 23 22.43 -19.59 -7.10
N GLN A 24 21.98 -18.33 -7.26
CA GLN A 24 22.67 -17.16 -6.67
C GLN A 24 21.87 -16.67 -5.51
N VAL A 25 22.54 -16.35 -4.42
CA VAL A 25 21.86 -15.81 -3.24
C VAL A 25 22.67 -14.61 -2.77
N GLY A 26 22.03 -13.45 -2.66
CA GLY A 26 22.70 -12.22 -2.28
C GLY A 26 23.00 -12.10 -0.80
N PRO A 27 23.72 -11.03 -0.41
CA PRO A 27 24.09 -10.87 1.02
C PRO A 27 22.88 -10.63 1.91
N TRP A 28 22.95 -11.14 3.14
CA TRP A 28 21.93 -10.90 4.17
C TRP A 28 20.57 -11.48 3.82
N SER A 29 20.54 -12.54 2.98
CA SER A 29 19.32 -13.23 2.64
C SER A 29 19.27 -14.51 3.45
N ILE A 30 18.06 -14.97 3.75
CA ILE A 30 17.84 -16.19 4.53
C ILE A 30 17.06 -17.18 3.67
N VAL A 31 17.68 -18.35 3.42
CA VAL A 31 17.02 -19.44 2.70
C VAL A 31 16.68 -20.40 3.84
N GLY A 32 15.43 -20.41 4.25
CA GLY A 32 15.02 -21.17 5.42
C GLY A 32 14.93 -22.67 5.25
N ALA A 33 14.52 -23.35 6.34
CA ALA A 33 14.37 -24.80 6.31
C ALA A 33 13.34 -25.18 5.28
N GLU A 34 13.57 -26.30 4.61
CA GLU A 34 12.60 -26.86 3.69
C GLU A 34 12.30 -25.96 2.48
N VAL A 35 13.26 -25.13 2.07
CA VAL A 35 13.10 -24.36 0.85
C VAL A 35 13.92 -25.10 -0.24
N GLU A 36 13.33 -25.25 -1.43
CA GLU A 36 13.95 -25.90 -2.58
C GLU A 36 14.04 -24.82 -3.69
N ILE A 37 15.23 -24.63 -4.30
CA ILE A 37 15.40 -23.58 -5.33
C ILE A 37 16.03 -24.17 -6.58
N GLY A 38 15.37 -23.96 -7.73
CA GLY A 38 15.83 -24.53 -8.98
C GLY A 38 16.84 -23.73 -9.76
N GLU A 39 17.38 -24.39 -10.78
CA GLU A 39 18.40 -23.91 -11.69
C GLU A 39 18.17 -22.52 -12.21
N GLY A 40 19.20 -21.69 -12.16
CA GLY A 40 19.16 -20.34 -12.76
C GLY A 40 18.42 -19.29 -11.96
N THR A 41 17.88 -19.65 -10.76
CA THR A 41 17.18 -18.67 -9.91
C THR A 41 18.18 -17.74 -9.23
N VAL A 42 17.79 -16.45 -9.12
CA VAL A 42 18.60 -15.42 -8.47
C VAL A 42 17.79 -14.83 -7.34
N ILE A 43 18.32 -14.98 -6.13
CA ILE A 43 17.75 -14.41 -4.91
C ILE A 43 18.59 -13.18 -4.62
N GLY A 44 17.93 -12.04 -4.50
CA GLY A 44 18.63 -10.77 -4.25
C GLY A 44 19.09 -10.71 -2.80
N PRO A 45 19.57 -9.52 -2.37
CA PRO A 45 19.98 -9.36 -0.97
C PRO A 45 18.76 -9.10 -0.10
N HIS A 46 18.86 -9.27 1.23
CA HIS A 46 17.73 -8.95 2.10
C HIS A 46 16.42 -9.69 1.79
N VAL A 47 16.49 -10.93 1.29
CA VAL A 47 15.27 -11.69 1.02
C VAL A 47 15.10 -12.69 2.15
N VAL A 48 13.84 -12.93 2.56
CA VAL A 48 13.54 -13.96 3.55
C VAL A 48 12.71 -15.02 2.86
N LEU A 49 13.25 -16.23 2.76
CA LEU A 49 12.51 -17.36 2.18
C LEU A 49 12.22 -18.35 3.30
N LYS A 50 10.95 -18.78 3.42
CA LYS A 50 10.54 -19.75 4.46
C LYS A 50 9.82 -20.91 3.77
N GLY A 51 9.89 -22.08 4.35
CA GLY A 51 9.26 -23.21 3.67
C GLY A 51 8.25 -23.92 4.54
N PRO A 52 7.70 -25.07 4.08
CA PRO A 52 8.02 -25.81 2.84
C PRO A 52 7.66 -25.04 1.57
N THR A 53 8.68 -24.73 0.76
CA THR A 53 8.45 -23.95 -0.48
C THR A 53 9.31 -24.51 -1.57
N LYS A 54 8.77 -24.58 -2.77
CA LYS A 54 9.52 -24.99 -3.96
C LYS A 54 9.52 -23.76 -4.86
N ILE A 55 10.71 -23.31 -5.25
CA ILE A 55 10.90 -22.21 -6.22
C ILE A 55 11.55 -22.90 -7.43
N GLY A 56 10.98 -22.70 -8.61
CA GLY A 56 11.47 -23.33 -9.83
C GLY A 56 12.70 -22.66 -10.42
N LYS A 57 12.80 -22.76 -11.75
CA LYS A 57 13.96 -22.33 -12.50
C LYS A 57 13.86 -20.92 -12.99
N HIS A 58 15.01 -20.25 -13.10
CA HIS A 58 15.10 -18.94 -13.78
C HIS A 58 14.19 -17.88 -13.20
N ASN A 59 14.00 -17.94 -11.87
CA ASN A 59 13.19 -16.93 -11.18
C ASN A 59 14.11 -15.83 -10.68
N ARG A 60 13.52 -14.67 -10.34
CA ARG A 60 14.26 -13.55 -9.75
CA ARG A 60 14.27 -13.57 -9.75
C ARG A 60 13.44 -13.03 -8.61
N ILE A 61 14.04 -13.01 -7.40
CA ILE A 61 13.34 -12.50 -6.20
C ILE A 61 14.13 -11.34 -5.64
N TYR A 62 13.49 -10.17 -5.56
CA TYR A 62 14.18 -8.94 -5.16
C TYR A 62 14.14 -8.72 -3.64
N GLN A 63 14.98 -7.77 -3.22
CA GLN A 63 15.14 -7.39 -1.81
C GLN A 63 13.88 -7.09 -1.06
N PHE A 64 13.87 -7.40 0.25
CA PHE A 64 12.83 -7.04 1.18
C PHE A 64 11.55 -7.86 0.99
N SER A 65 11.59 -8.90 0.15
CA SER A 65 10.48 -9.82 -0.07
C SER A 65 10.45 -10.86 1.07
N SER A 66 9.25 -11.34 1.43
CA SER A 66 9.08 -12.42 2.42
C SER A 66 8.26 -13.48 1.70
N VAL A 67 8.90 -14.55 1.27
CA VAL A 67 8.28 -15.55 0.42
C VAL A 67 8.19 -16.87 1.18
N GLY A 68 6.97 -17.38 1.35
CA GLY A 68 6.75 -18.64 2.05
C GLY A 68 6.31 -18.48 3.49
N GLU A 69 5.65 -17.36 3.80
CA GLU A 69 5.15 -17.08 5.14
C GLU A 69 4.01 -17.98 5.54
N ASP A 70 3.78 -18.10 6.85
CA ASP A 70 2.76 -18.98 7.40
C ASP A 70 1.32 -18.70 6.98
N THR A 71 0.53 -19.80 6.82
CA THR A 71 -0.90 -19.79 6.53
C THR A 71 -1.60 -19.44 7.88
N PRO A 72 -2.51 -18.44 7.93
CA PRO A 72 -3.20 -18.13 9.21
C PRO A 72 -4.29 -19.14 9.59
N LYS A 75 -6.48 -25.68 10.48
CA LYS A 75 -7.41 -26.71 10.94
C LYS A 75 -6.90 -27.33 12.26
N TYR A 76 -5.60 -27.64 12.30
CA TYR A 76 -4.89 -28.22 13.45
C TYR A 76 -3.41 -27.81 13.42
N LYS A 77 -2.75 -27.85 14.58
CA LYS A 77 -1.34 -27.47 14.75
C LYS A 77 -0.39 -28.48 14.08
N GLY A 78 0.45 -27.99 13.19
CA GLY A 78 1.42 -28.81 12.47
C GLY A 78 0.92 -29.34 11.14
N GLU A 79 -0.32 -28.96 10.73
CA GLU A 79 -0.92 -29.34 9.45
C GLU A 79 0.03 -28.93 8.31
N PRO A 80 0.49 -29.91 7.50
CA PRO A 80 1.42 -29.57 6.40
C PRO A 80 0.94 -28.46 5.45
N THR A 81 1.82 -27.49 5.16
CA THR A 81 1.46 -26.41 4.21
C THR A 81 2.56 -26.29 3.17
N ARG A 82 2.28 -25.65 2.04
CA ARG A 82 3.29 -25.56 1.02
C ARG A 82 3.05 -24.34 0.16
N LEU A 83 4.12 -23.85 -0.44
CA LEU A 83 4.07 -22.81 -1.46
C LEU A 83 4.85 -23.39 -2.65
N VAL A 84 4.30 -23.30 -3.86
CA VAL A 84 4.98 -23.79 -5.06
C VAL A 84 5.02 -22.66 -6.08
N ILE A 85 6.22 -22.33 -6.56
CA ILE A 85 6.40 -21.26 -7.56
C ILE A 85 7.08 -21.92 -8.74
N GLY A 86 6.57 -21.64 -9.93
CA GLY A 86 7.08 -22.20 -11.17
C GLY A 86 8.34 -21.55 -11.66
N ASP A 87 8.43 -21.39 -12.98
CA ASP A 87 9.63 -20.92 -13.66
C ASP A 87 9.49 -19.56 -14.29
N HIS A 88 10.61 -18.85 -14.45
CA HIS A 88 10.65 -17.57 -15.19
C HIS A 88 9.73 -16.50 -14.61
N ASN A 89 9.59 -16.48 -13.28
CA ASN A 89 8.81 -15.46 -12.57
C ASN A 89 9.72 -14.36 -12.05
N VAL A 90 9.13 -13.18 -11.86
CA VAL A 90 9.84 -12.04 -11.27
C VAL A 90 9.01 -11.62 -10.09
N ILE A 91 9.61 -11.64 -8.91
CA ILE A 91 8.98 -11.21 -7.65
C ILE A 91 9.78 -9.97 -7.19
N ARG A 92 9.14 -8.79 -7.24
CA ARG A 92 9.85 -7.54 -6.97
C ARG A 92 9.96 -7.26 -5.48
N GLU A 93 10.49 -6.08 -5.12
CA GLU A 93 10.75 -5.80 -3.71
C GLU A 93 9.53 -5.77 -2.85
N GLY A 94 9.69 -6.24 -1.61
CA GLY A 94 8.65 -6.14 -0.61
C GLY A 94 7.45 -7.05 -0.79
N VAL A 95 7.46 -7.95 -1.78
CA VAL A 95 6.34 -8.89 -2.02
C VAL A 95 6.20 -9.84 -0.84
N THR A 96 4.96 -10.11 -0.43
CA THR A 96 4.71 -11.12 0.62
C THR A 96 3.86 -12.22 0.03
N ILE A 97 4.33 -13.46 0.17
CA ILE A 97 3.56 -14.61 -0.38
C ILE A 97 3.43 -15.62 0.74
N HIS A 98 2.19 -16.03 1.04
CA HIS A 98 1.95 -17.01 2.11
C HIS A 98 1.74 -18.40 1.55
N ARG A 99 2.05 -19.40 2.38
CA ARG A 99 1.86 -20.82 2.02
C ARG A 99 0.38 -21.18 2.16
N GLY A 100 0.01 -22.39 1.72
CA GLY A 100 -1.36 -22.86 1.80
C GLY A 100 -1.44 -24.32 2.25
N THR A 101 -2.63 -24.77 2.67
CA THR A 101 -2.81 -26.14 3.21
C THR A 101 -2.75 -27.24 2.14
N VAL A 102 -1.99 -28.33 2.41
CA VAL A 102 -1.76 -29.45 1.48
C VAL A 102 -2.94 -30.45 1.39
N GLN A 103 -3.38 -31.01 2.55
CA GLN A 103 -4.39 -32.09 2.62
C GLN A 103 -5.73 -31.84 1.91
N ASP A 104 -6.15 -30.57 1.77
CA ASP A 104 -7.40 -30.20 1.11
C ASP A 104 -7.15 -29.64 -0.31
N ARG A 105 -5.92 -29.89 -0.82
CA ARG A 105 -5.44 -29.45 -2.14
C ARG A 105 -5.54 -27.92 -2.29
N ALA A 106 -5.22 -27.20 -1.21
CA ALA A 106 -5.30 -25.74 -1.23
C ALA A 106 -3.92 -25.08 -1.09
N GLU A 107 -2.82 -25.70 -1.59
CA GLU A 107 -1.47 -25.09 -1.47
C GLU A 107 -1.49 -23.73 -2.15
N THR A 108 -0.55 -22.83 -1.83
CA THR A 108 -0.49 -21.60 -2.62
C THR A 108 0.38 -21.94 -3.83
N THR A 109 -0.10 -21.64 -5.04
CA THR A 109 0.68 -22.03 -6.22
C THR A 109 0.78 -20.90 -7.23
N ILE A 110 1.96 -20.74 -7.80
CA ILE A 110 2.19 -19.70 -8.84
C ILE A 110 2.84 -20.41 -10.01
N GLY A 111 2.34 -20.13 -11.21
CA GLY A 111 2.85 -20.81 -12.40
C GLY A 111 4.11 -20.17 -12.93
N ASP A 112 4.12 -19.95 -14.25
CA ASP A 112 5.29 -19.51 -14.97
C ASP A 112 5.12 -18.16 -15.60
N HIS A 113 6.25 -17.46 -15.82
CA HIS A 113 6.25 -16.21 -16.57
C HIS A 113 5.37 -15.12 -15.96
N ASN A 114 5.23 -15.12 -14.63
CA ASN A 114 4.47 -14.10 -13.92
C ASN A 114 5.35 -12.96 -13.50
N LEU A 115 4.76 -11.78 -13.30
CA LEU A 115 5.46 -10.59 -12.83
C LEU A 115 4.66 -10.11 -11.64
N ILE A 116 5.23 -10.21 -10.44
CA ILE A 116 4.58 -9.80 -9.20
C ILE A 116 5.39 -8.59 -8.71
N MET A 117 4.79 -7.40 -8.81
CA MET A 117 5.45 -6.13 -8.62
C MET A 117 5.49 -5.72 -7.18
N ALA A 118 6.23 -4.64 -6.90
CA ALA A 118 6.56 -4.27 -5.52
C ALA A 118 5.38 -4.21 -4.58
N TYR A 119 5.58 -4.83 -3.41
CA TYR A 119 4.67 -4.84 -2.25
C TYR A 119 3.35 -5.54 -2.52
N ALA A 120 3.25 -6.29 -3.63
CA ALA A 120 2.04 -7.10 -3.87
C ALA A 120 1.94 -8.15 -2.76
N HIS A 121 0.73 -8.61 -2.49
CA HIS A 121 0.50 -9.61 -1.44
C HIS A 121 -0.29 -10.78 -2.01
N ILE A 122 0.24 -12.00 -1.85
CA ILE A 122 -0.46 -13.22 -2.33
C ILE A 122 -0.83 -14.00 -1.07
N GLY A 123 -2.10 -13.94 -0.73
CA GLY A 123 -2.64 -14.58 0.45
C GLY A 123 -2.67 -16.10 0.33
N HIS A 124 -2.78 -16.75 1.50
CA HIS A 124 -2.81 -18.21 1.58
C HIS A 124 -3.81 -18.86 0.64
N ASP A 125 -3.42 -19.99 0.04
CA ASP A 125 -4.28 -20.82 -0.79
C ASP A 125 -4.65 -20.19 -2.13
N SER A 126 -3.96 -19.09 -2.52
CA SER A 126 -4.18 -18.46 -3.82
C SER A 126 -3.50 -19.26 -4.89
N VAL A 127 -4.03 -19.20 -6.14
CA VAL A 127 -3.47 -19.94 -7.24
C VAL A 127 -3.37 -18.96 -8.41
N ILE A 128 -2.15 -18.72 -8.90
CA ILE A 128 -1.89 -17.81 -10.03
C ILE A 128 -1.40 -18.69 -11.15
N GLY A 129 -1.92 -18.45 -12.34
CA GLY A 129 -1.59 -19.23 -13.54
C GLY A 129 -0.27 -18.79 -14.13
N ASN A 130 -0.27 -18.54 -15.43
CA ASN A 130 0.91 -18.15 -16.19
C ASN A 130 0.73 -16.80 -16.82
N HIS A 131 1.84 -16.08 -17.04
CA HIS A 131 1.82 -14.81 -17.77
C HIS A 131 0.95 -13.73 -17.14
N CYS A 132 0.74 -13.80 -15.80
CA CYS A 132 -0.04 -12.77 -15.11
C CYS A 132 0.85 -11.61 -14.72
N ILE A 133 0.22 -10.45 -14.47
CA ILE A 133 0.92 -9.27 -13.97
C ILE A 133 0.13 -8.77 -12.79
N LEU A 134 0.74 -8.78 -11.56
CA LEU A 134 0.12 -8.21 -10.36
C LEU A 134 0.93 -6.96 -10.12
N VAL A 135 0.34 -5.79 -10.39
CA VAL A 135 1.09 -4.52 -10.29
C VAL A 135 1.24 -4.17 -8.82
N ASN A 136 2.12 -3.20 -8.52
CA ASN A 136 2.43 -2.74 -7.15
C ASN A 136 1.25 -2.73 -6.23
N ASN A 137 1.44 -3.31 -5.03
CA ASN A 137 0.47 -3.30 -3.94
C ASN A 137 -0.87 -3.98 -4.26
N THR A 138 -0.93 -4.80 -5.31
CA THR A 138 -2.12 -5.64 -5.54
C THR A 138 -2.17 -6.59 -4.35
N ALA A 139 -3.36 -6.83 -3.78
CA ALA A 139 -3.48 -7.70 -2.63
C ALA A 139 -4.58 -8.73 -2.86
N LEU A 140 -4.18 -10.00 -2.77
CA LEU A 140 -5.11 -11.13 -2.88
C LEU A 140 -5.34 -11.64 -1.47
N ALA A 141 -6.54 -11.45 -0.94
CA ALA A 141 -6.80 -11.80 0.46
C ALA A 141 -6.53 -13.26 0.85
N GLY A 142 -6.79 -14.18 -0.06
CA GLY A 142 -6.64 -15.61 0.25
C GLY A 142 -7.62 -16.42 -0.57
N HIS A 143 -7.24 -17.64 -0.96
CA HIS A 143 -8.12 -18.49 -1.79
C HIS A 143 -8.53 -17.80 -3.11
N VAL A 144 -7.69 -16.91 -3.68
CA VAL A 144 -7.98 -16.24 -4.94
C VAL A 144 -7.38 -17.03 -6.08
N HIS A 145 -8.13 -17.17 -7.17
CA HIS A 145 -7.65 -17.87 -8.34
C HIS A 145 -7.46 -16.84 -9.45
N VAL A 146 -6.25 -16.70 -9.96
CA VAL A 146 -5.95 -15.76 -11.06
C VAL A 146 -5.54 -16.59 -12.24
N ASP A 147 -6.35 -16.55 -13.29
CA ASP A 147 -6.09 -17.35 -14.50
C ASP A 147 -5.12 -16.62 -15.43
N ASP A 148 -4.65 -17.36 -16.45
CA ASP A 148 -3.60 -16.89 -17.36
C ASP A 148 -3.82 -15.53 -17.96
N TRP A 149 -2.72 -14.76 -18.07
CA TRP A 149 -2.66 -13.45 -18.74
C TRP A 149 -3.46 -12.37 -18.04
N ALA A 150 -3.98 -12.60 -16.80
CA ALA A 150 -4.71 -11.51 -16.14
C ALA A 150 -3.77 -10.39 -15.77
N ILE A 151 -4.27 -9.15 -15.77
CA ILE A 151 -3.45 -7.99 -15.35
C ILE A 151 -4.24 -7.27 -14.27
N LEU A 152 -3.69 -7.15 -13.06
CA LEU A 152 -4.36 -6.43 -11.98
C LEU A 152 -3.55 -5.17 -11.77
N SER A 153 -4.11 -4.00 -12.08
CA SER A 153 -3.35 -2.73 -11.99
C SER A 153 -3.02 -2.40 -10.53
N GLY A 154 -2.15 -1.39 -10.31
CA GLY A 154 -1.63 -1.04 -8.99
C GLY A 154 -2.73 -0.85 -7.99
N TYR A 155 -2.51 -1.39 -6.78
CA TYR A 155 -3.42 -1.28 -5.65
C TYR A 155 -4.78 -1.93 -5.88
N THR A 156 -4.86 -2.96 -6.72
CA THR A 156 -6.12 -3.71 -6.87
C THR A 156 -6.26 -4.58 -5.62
N LEU A 157 -7.46 -4.63 -5.02
CA LEU A 157 -7.74 -5.45 -3.84
C LEU A 157 -8.68 -6.56 -4.28
N VAL A 158 -8.40 -7.80 -3.83
CA VAL A 158 -9.25 -8.94 -4.23
C VAL A 158 -9.69 -9.69 -3.00
N HIS A 159 -11.01 -9.71 -2.79
CA HIS A 159 -11.67 -10.39 -1.70
C HIS A 159 -11.36 -11.93 -1.73
N GLN A 160 -11.38 -12.56 -0.55
CA GLN A 160 -11.16 -14.01 -0.46
C GLN A 160 -12.14 -14.75 -1.36
N TYR A 161 -11.67 -15.84 -1.96
CA TYR A 161 -12.44 -16.75 -2.82
C TYR A 161 -12.78 -16.21 -4.20
N CYS A 162 -12.43 -14.96 -4.53
CA CYS A 162 -12.71 -14.46 -5.87
C CYS A 162 -11.90 -15.16 -6.93
N ARG A 163 -12.48 -15.26 -8.14
CA ARG A 163 -11.80 -15.84 -9.28
C ARG A 163 -11.64 -14.72 -10.28
N ILE A 164 -10.42 -14.56 -10.80
CA ILE A 164 -10.03 -13.55 -11.79
C ILE A 164 -9.81 -14.31 -13.11
N GLY A 165 -10.65 -14.04 -14.09
CA GLY A 165 -10.62 -14.78 -15.34
C GLY A 165 -9.42 -14.55 -16.22
N ALA A 166 -9.16 -15.50 -17.13
CA ALA A 166 -8.05 -15.35 -18.07
C ALA A 166 -8.17 -14.06 -18.89
N HIS A 167 -7.04 -13.37 -19.15
CA HIS A 167 -7.01 -12.15 -19.99
C HIS A 167 -7.87 -10.98 -19.44
N SER A 168 -8.29 -11.07 -18.16
CA SER A 168 -9.08 -9.98 -17.56
C SER A 168 -8.16 -8.84 -17.18
N PHE A 169 -8.74 -7.70 -16.84
CA PHE A 169 -7.90 -6.57 -16.47
C PHE A 169 -8.64 -5.76 -15.41
N SER A 170 -7.91 -5.28 -14.36
CA SER A 170 -8.53 -4.35 -13.42
C SER A 170 -7.81 -3.01 -13.52
N GLY A 171 -8.54 -1.94 -13.35
CA GLY A 171 -8.00 -0.58 -13.32
C GLY A 171 -7.36 -0.33 -11.95
N MET A 172 -6.53 0.72 -11.83
CA MET A 172 -5.81 0.95 -10.57
C MET A 172 -6.81 1.21 -9.44
N GLY A 173 -6.51 0.71 -8.26
CA GLY A 173 -7.37 0.90 -7.10
C GLY A 173 -8.69 0.17 -7.14
N SER A 174 -8.85 -0.87 -8.00
CA SER A 174 -10.13 -1.61 -8.06
C SER A 174 -10.30 -2.42 -6.80
N ALA A 175 -11.52 -2.52 -6.28
CA ALA A 175 -11.78 -3.34 -5.10
C ALA A 175 -12.75 -4.41 -5.57
N ILE A 176 -12.20 -5.61 -5.84
CA ILE A 176 -12.93 -6.73 -6.42
C ILE A 176 -13.55 -7.60 -5.33
N GLY A 177 -14.88 -7.64 -5.31
CA GLY A 177 -15.61 -8.44 -4.31
C GLY A 177 -16.34 -9.64 -4.86
N LYS A 178 -16.43 -9.71 -6.20
CA LYS A 178 -17.13 -10.79 -6.92
C LYS A 178 -16.19 -11.33 -7.98
N ASP A 179 -16.59 -12.41 -8.65
CA ASP A 179 -15.74 -12.97 -9.71
C ASP A 179 -15.63 -12.06 -10.93
N VAL A 180 -14.45 -12.07 -11.57
CA VAL A 180 -14.25 -11.28 -12.79
C VAL A 180 -14.22 -12.30 -13.94
N PRO A 181 -15.21 -12.28 -14.86
CA PRO A 181 -15.18 -13.26 -15.97
C PRO A 181 -13.95 -13.06 -16.86
N ALA A 182 -13.57 -14.09 -17.61
CA ALA A 182 -12.43 -13.98 -18.51
C ALA A 182 -12.63 -12.80 -19.47
N TYR A 183 -11.53 -12.10 -19.82
CA TYR A 183 -11.51 -10.94 -20.74
C TYR A 183 -12.14 -9.67 -20.22
N VAL A 184 -12.87 -9.69 -19.12
CA VAL A 184 -13.62 -8.50 -18.68
C VAL A 184 -12.67 -7.46 -18.04
N THR A 185 -12.96 -6.16 -18.29
CA THR A 185 -12.19 -5.07 -17.69
C THR A 185 -13.06 -4.53 -16.58
N VAL A 186 -12.47 -4.29 -15.39
CA VAL A 186 -13.20 -3.81 -14.22
C VAL A 186 -12.50 -2.61 -13.60
N PHE A 187 -13.28 -1.71 -13.01
CA PHE A 187 -12.73 -0.47 -12.46
C PHE A 187 -13.50 -0.04 -11.23
N GLY A 188 -12.80 0.63 -10.31
CA GLY A 188 -13.48 1.29 -9.19
C GLY A 188 -13.59 0.51 -7.90
N ASN A 189 -14.12 1.20 -6.89
CA ASN A 189 -14.31 0.64 -5.57
C ASN A 189 -15.75 0.98 -5.16
N PRO A 190 -16.70 0.01 -5.21
CA PRO A 190 -16.52 -1.40 -5.62
C PRO A 190 -16.32 -1.55 -7.13
N ALA A 191 -15.60 -2.59 -7.57
CA ALA A 191 -15.34 -2.79 -9.00
C ALA A 191 -16.62 -2.96 -9.81
N GLU A 192 -16.63 -2.44 -11.03
CA GLU A 192 -17.77 -2.57 -11.96
C GLU A 192 -17.20 -2.96 -13.31
N ALA A 193 -17.92 -3.81 -14.04
CA ALA A 193 -17.53 -4.26 -15.39
C ALA A 193 -17.67 -3.09 -16.34
N ARG A 194 -16.70 -2.91 -17.22
CA ARG A 194 -16.79 -1.82 -18.19
C ARG A 194 -16.89 -2.34 -19.60
N SER A 195 -15.97 -3.23 -19.97
CA SER A 195 -15.90 -3.77 -21.31
C SER A 195 -15.10 -5.08 -21.31
N MET A 196 -14.50 -5.38 -22.45
CA MET A 196 -13.60 -6.52 -22.59
C MET A 196 -12.23 -6.03 -23.01
N ASN A 197 -11.20 -6.82 -22.70
CA ASN A 197 -9.83 -6.48 -23.00
C ASN A 197 -9.50 -6.85 -24.46
N PHE A 198 -10.09 -6.11 -25.40
CA PHE A 198 -9.86 -6.31 -26.84
C PHE A 198 -8.41 -6.11 -27.22
N GLU A 199 -7.73 -5.17 -26.57
CA GLU A 199 -6.30 -4.89 -26.82
C GLU A 199 -5.48 -6.16 -26.55
N GLY A 200 -5.75 -6.83 -25.42
CA GLY A 200 -5.06 -8.07 -25.04
C GLY A 200 -5.31 -9.17 -26.06
N MET A 201 -6.55 -9.30 -26.55
CA MET A 201 -6.92 -10.30 -27.55
C MET A 201 -6.11 -10.11 -28.83
N ARG A 202 -5.95 -8.86 -29.25
CA ARG A 202 -5.21 -8.54 -30.47
C ARG A 202 -3.73 -8.83 -30.29
N ARG A 203 -3.15 -8.46 -29.15
CA ARG A 203 -1.74 -8.78 -28.86
C ARG A 203 -1.51 -10.27 -28.84
N ARG A 204 -2.50 -11.06 -28.36
CA ARG A 204 -2.42 -12.52 -28.29
C ARG A 204 -2.70 -13.21 -29.64
N GLY A 205 -3.04 -12.44 -30.66
CA GLY A 205 -3.29 -12.99 -31.98
C GLY A 205 -4.65 -13.64 -32.19
N PHE A 206 -5.67 -13.28 -31.37
CA PHE A 206 -7.03 -13.86 -31.57
C PHE A 206 -7.53 -13.44 -32.95
N SER A 207 -8.31 -14.31 -33.61
CA SER A 207 -8.89 -13.98 -34.92
C SER A 207 -9.94 -12.89 -34.75
N SER A 208 -10.20 -12.14 -35.82
CA SER A 208 -11.23 -11.08 -35.81
C SER A 208 -12.60 -11.72 -35.52
N GLU A 209 -12.81 -12.97 -35.96
CA GLU A 209 -14.06 -13.72 -35.77
C GLU A 209 -14.24 -14.04 -34.28
N ALA A 210 -13.17 -14.47 -33.60
CA ALA A 210 -13.21 -14.76 -32.17
C ALA A 210 -13.53 -13.51 -31.34
N ILE A 211 -12.89 -12.37 -31.68
CA ILE A 211 -13.10 -11.08 -31.01
C ILE A 211 -14.56 -10.64 -31.18
N HIS A 212 -15.10 -10.82 -32.39
CA HIS A 212 -16.49 -10.48 -32.73
C HIS A 212 -17.45 -11.33 -31.87
N ALA A 213 -17.18 -12.62 -31.72
CA ALA A 213 -17.96 -13.58 -30.94
C ALA A 213 -17.89 -13.20 -29.45
N LEU A 214 -16.72 -12.74 -28.99
CA LEU A 214 -16.55 -12.29 -27.60
C LEU A 214 -17.25 -10.98 -27.31
N ARG A 215 -17.27 -10.05 -28.30
CA ARG A 215 -17.98 -8.78 -28.15
C ARG A 215 -19.49 -9.09 -27.98
N ARG A 216 -20.03 -10.02 -28.80
CA ARG A 216 -21.44 -10.44 -28.73
C ARG A 216 -21.72 -11.14 -27.38
N ALA A 217 -20.76 -11.97 -26.92
CA ALA A 217 -20.88 -12.70 -25.64
C ALA A 217 -21.02 -11.73 -24.46
N TYR A 218 -20.22 -10.63 -24.44
CA TYR A 218 -20.27 -9.59 -23.40
C TYR A 218 -21.67 -8.97 -23.39
N LYS A 219 -22.22 -8.67 -24.57
CA LYS A 219 -23.55 -8.09 -24.72
C LYS A 219 -24.63 -9.01 -24.14
N VAL A 220 -24.56 -10.33 -24.45
CA VAL A 220 -25.49 -11.35 -23.96
C VAL A 220 -25.51 -11.37 -22.42
N VAL A 221 -24.34 -11.29 -21.80
CA VAL A 221 -24.23 -11.36 -20.34
C VAL A 221 -24.62 -10.05 -19.65
N TYR A 222 -24.15 -8.91 -20.19
CA TYR A 222 -24.25 -7.63 -19.51
C TYR A 222 -25.23 -6.58 -20.04
N ARG A 223 -25.59 -6.63 -21.34
CA ARG A 223 -26.38 -5.54 -21.93
C ARG A 223 -27.81 -5.90 -22.37
N GLN A 224 -28.18 -7.19 -22.30
CA GLN A 224 -29.49 -7.64 -22.78
C GLN A 224 -30.47 -8.09 -21.68
N GLY A 225 -30.27 -7.57 -20.47
CA GLY A 225 -31.11 -7.83 -19.30
C GLY A 225 -31.35 -9.27 -18.91
N HIS A 226 -30.54 -10.21 -19.44
CA HIS A 226 -30.66 -11.64 -19.14
C HIS A 226 -30.13 -11.97 -17.77
N THR A 227 -30.67 -13.07 -17.19
CA THR A 227 -30.18 -13.61 -15.91
C THR A 227 -28.93 -14.43 -16.27
N VAL A 228 -28.10 -14.78 -15.29
CA VAL A 228 -26.88 -15.57 -15.53
C VAL A 228 -27.23 -16.91 -16.19
N GLU A 229 -28.33 -17.56 -15.75
CA GLU A 229 -28.83 -18.83 -16.30
C GLU A 229 -29.21 -18.65 -17.79
N GLU A 230 -29.95 -17.56 -18.10
CA GLU A 230 -30.39 -17.20 -19.45
C GLU A 230 -29.18 -16.98 -20.37
N ALA A 231 -28.20 -16.15 -19.92
CA ALA A 231 -26.97 -15.87 -20.65
C ALA A 231 -26.18 -17.16 -20.94
N LEU A 232 -26.02 -18.04 -19.93
CA LEU A 232 -25.28 -19.30 -20.08
C LEU A 232 -25.87 -20.20 -21.17
N ALA A 233 -27.20 -20.27 -21.22
CA ALA A 233 -27.98 -21.05 -22.19
C ALA A 233 -27.75 -20.52 -23.63
N GLU A 234 -27.76 -19.18 -23.81
CA GLU A 234 -27.55 -18.48 -25.09
C GLU A 234 -26.09 -18.57 -25.60
N LEU A 235 -25.11 -18.69 -24.68
CA LEU A 235 -23.69 -18.75 -25.04
C LEU A 235 -23.21 -20.11 -25.51
N ALA A 236 -23.97 -21.20 -25.19
CA ALA A 236 -23.61 -22.60 -25.47
C ALA A 236 -23.14 -22.87 -26.89
N GLU A 237 -23.91 -22.37 -27.86
CA GLU A 237 -23.69 -22.50 -29.30
C GLU A 237 -22.34 -21.88 -29.69
N SER A 238 -22.14 -20.57 -29.41
CA SER A 238 -20.90 -19.85 -29.69
C SER A 238 -19.69 -20.50 -28.98
N ALA A 239 -19.87 -20.91 -27.70
CA ALA A 239 -18.85 -21.57 -26.88
C ALA A 239 -18.39 -22.90 -27.48
N ALA A 240 -19.34 -23.68 -28.07
CA ALA A 240 -19.02 -24.95 -28.70
C ALA A 240 -18.15 -24.75 -29.95
N GLN A 241 -18.28 -23.56 -30.59
CA GLN A 241 -17.56 -23.19 -31.82
C GLN A 241 -16.25 -22.45 -31.60
N PHE A 242 -16.18 -21.53 -30.60
CA PHE A 242 -14.95 -20.79 -30.35
C PHE A 242 -14.40 -21.18 -28.99
N PRO A 243 -13.16 -21.72 -28.91
CA PRO A 243 -12.57 -22.04 -27.59
C PRO A 243 -12.46 -20.81 -26.69
N GLU A 244 -12.22 -19.61 -27.27
CA GLU A 244 -12.13 -18.35 -26.52
C GLU A 244 -13.47 -18.01 -25.84
N VAL A 245 -14.62 -18.27 -26.52
CA VAL A 245 -15.94 -18.03 -25.95
C VAL A 245 -16.24 -19.06 -24.84
N ALA A 246 -15.76 -20.32 -25.01
CA ALA A 246 -15.86 -21.36 -23.97
C ALA A 246 -15.12 -20.87 -22.69
N VAL A 247 -13.94 -20.21 -22.85
CA VAL A 247 -13.17 -19.66 -21.74
C VAL A 247 -14.04 -18.64 -20.98
N PHE A 248 -14.75 -17.79 -21.71
CA PHE A 248 -15.65 -16.79 -21.12
C PHE A 248 -16.83 -17.49 -20.41
N ARG A 249 -17.56 -18.36 -21.14
CA ARG A 249 -18.71 -19.12 -20.63
C ARG A 249 -18.36 -19.89 -19.35
N ASP A 250 -17.21 -20.61 -19.35
CA ASP A 250 -16.75 -21.39 -18.22
C ASP A 250 -16.47 -20.53 -16.99
N SER A 251 -15.95 -19.30 -17.20
CA SER A 251 -15.69 -18.38 -16.10
C SER A 251 -16.97 -17.91 -15.43
N ILE A 252 -18.06 -17.72 -16.20
CA ILE A 252 -19.32 -17.31 -15.59
C ILE A 252 -19.96 -18.52 -14.85
N GLN A 253 -19.88 -19.71 -15.47
CA GLN A 253 -20.38 -20.99 -14.93
C GLN A 253 -19.71 -21.34 -13.57
N SER A 254 -18.39 -21.12 -13.44
CA SER A 254 -17.65 -21.42 -12.22
C SER A 254 -17.64 -20.26 -11.20
N ALA A 255 -18.44 -19.20 -11.43
CA ALA A 255 -18.51 -18.07 -10.50
C ALA A 255 -19.32 -18.45 -9.25
N THR A 256 -18.68 -18.43 -8.08
CA THR A 256 -19.38 -18.78 -6.83
C THR A 256 -19.84 -17.54 -6.07
N ARG A 257 -19.23 -16.38 -6.38
CA ARG A 257 -19.56 -15.14 -5.67
C ARG A 257 -20.38 -14.20 -6.55
N GLY A 258 -20.89 -14.73 -7.65
CA GLY A 258 -21.62 -13.94 -8.64
C GLY A 258 -20.59 -13.24 -9.50
N ILE A 259 -21.01 -12.61 -10.59
CA ILE A 259 -20.03 -11.93 -11.45
C ILE A 259 -20.03 -10.44 -11.20
N THR A 260 -18.87 -9.80 -11.39
CA THR A 260 -18.75 -8.36 -11.27
C THR A 260 -19.62 -7.70 -12.36
N ARG A 261 -20.49 -6.78 -11.93
CA ARG A 261 -21.39 -6.06 -12.83
C ARG A 261 -21.15 -4.54 -12.73
N MET B 4 33.36 6.02 15.46
CA MET B 4 32.50 5.46 14.43
C MET B 4 32.75 6.08 13.05
N SER B 5 33.07 5.22 12.07
CA SER B 5 33.34 5.56 10.67
C SER B 5 32.05 6.05 9.97
N LEU B 6 32.14 7.13 9.16
CA LEU B 6 30.98 7.68 8.43
C LEU B 6 30.35 6.65 7.49
N ILE B 7 31.19 5.87 6.80
CA ILE B 7 30.71 4.79 5.94
C ILE B 7 30.82 3.53 6.78
N ASP B 8 29.68 2.96 7.15
CA ASP B 8 29.69 1.79 8.03
C ASP B 8 30.49 0.63 7.36
N PRO B 9 31.39 -0.08 8.09
CA PRO B 9 32.15 -1.17 7.43
C PRO B 9 31.29 -2.34 6.92
N ARG B 10 30.02 -2.42 7.38
CA ARG B 10 29.06 -3.47 6.98
C ARG B 10 28.24 -3.12 5.73
N ALA B 11 28.42 -1.91 5.21
CA ALA B 11 27.80 -1.50 3.96
C ALA B 11 28.67 -1.98 2.79
N ILE B 12 28.08 -2.10 1.60
CA ILE B 12 28.80 -2.48 0.39
C ILE B 12 28.84 -1.26 -0.52
N ILE B 13 30.05 -0.72 -0.79
CA ILE B 13 30.22 0.46 -1.65
C ILE B 13 30.96 0.06 -2.90
N ASP B 14 30.32 0.19 -4.05
CA ASP B 14 30.98 -0.18 -5.31
C ASP B 14 32.16 0.75 -5.59
N PRO B 15 33.30 0.24 -6.11
CA PRO B 15 34.44 1.12 -6.39
C PRO B 15 34.14 2.30 -7.33
N SER B 16 33.12 2.18 -8.24
CA SER B 16 32.81 3.27 -9.16
C SER B 16 31.87 4.31 -8.56
N ALA B 17 31.33 4.04 -7.35
CA ALA B 17 30.46 5.02 -6.66
C ALA B 17 31.33 6.22 -6.25
N ARG B 18 30.75 7.43 -6.24
CA ARG B 18 31.46 8.66 -5.87
CA ARG B 18 31.47 8.63 -5.84
C ARG B 18 30.71 9.34 -4.73
N LEU B 19 31.25 9.29 -3.52
CA LEU B 19 30.59 9.89 -2.36
C LEU B 19 31.36 11.07 -1.86
N ALA B 20 30.68 12.20 -1.58
CA ALA B 20 31.38 13.37 -1.04
C ALA B 20 31.98 12.95 0.34
N ALA B 21 33.08 13.58 0.77
CA ALA B 21 33.82 13.18 1.97
C ALA B 21 32.98 12.99 3.27
N ASP B 22 31.93 13.82 3.50
CA ASP B 22 31.17 13.71 4.76
C ASP B 22 29.90 12.84 4.68
N VAL B 23 29.71 12.13 3.56
CA VAL B 23 28.53 11.27 3.38
C VAL B 23 28.52 10.14 4.41
N GLN B 24 27.33 9.87 5.00
CA GLN B 24 27.15 8.77 5.94
C GLN B 24 26.35 7.64 5.31
N VAL B 25 26.83 6.40 5.50
CA VAL B 25 26.13 5.24 4.96
C VAL B 25 25.99 4.24 6.11
N GLY B 26 24.76 3.83 6.40
CA GLY B 26 24.51 2.87 7.49
C GLY B 26 24.86 1.42 7.16
N PRO B 27 24.78 0.52 8.15
CA PRO B 27 25.18 -0.88 7.91
C PRO B 27 24.23 -1.61 6.96
N TRP B 28 24.77 -2.55 6.21
CA TRP B 28 23.99 -3.40 5.31
C TRP B 28 23.27 -2.63 4.19
N SER B 29 23.84 -1.47 3.80
CA SER B 29 23.33 -0.71 2.66
C SER B 29 24.22 -1.03 1.50
N ILE B 30 23.68 -0.92 0.29
CA ILE B 30 24.42 -1.17 -0.93
C ILE B 30 24.40 0.08 -1.76
N VAL B 31 25.59 0.57 -2.09
CA VAL B 31 25.71 1.76 -2.94
C VAL B 31 26.34 1.21 -4.21
N GLY B 32 25.52 1.04 -5.24
CA GLY B 32 25.93 0.41 -6.48
C GLY B 32 26.84 1.23 -7.37
N ALA B 33 27.24 0.62 -8.47
CA ALA B 33 28.07 1.27 -9.47
C ALA B 33 27.35 2.47 -10.02
N GLU B 34 28.11 3.51 -10.35
CA GLU B 34 27.63 4.75 -10.96
C GLU B 34 26.62 5.50 -10.10
N VAL B 35 26.79 5.41 -8.77
CA VAL B 35 25.95 6.17 -7.85
C VAL B 35 26.84 7.30 -7.30
N GLU B 36 26.37 8.54 -7.41
CA GLU B 36 27.07 9.73 -6.93
C GLU B 36 26.24 10.31 -5.80
N ILE B 37 26.88 10.58 -4.64
CA ILE B 37 26.14 11.10 -3.47
C ILE B 37 26.82 12.38 -3.01
N GLY B 38 26.06 13.45 -2.89
CA GLY B 38 26.58 14.75 -2.51
C GLY B 38 26.73 15.00 -1.03
N GLU B 39 27.40 16.11 -0.70
CA GLU B 39 27.72 16.55 0.66
C GLU B 39 26.56 16.55 1.62
N GLY B 40 26.81 16.05 2.83
CA GLY B 40 25.84 16.05 3.92
C GLY B 40 24.70 15.06 3.82
N THR B 41 24.73 14.20 2.78
CA THR B 41 23.66 13.19 2.61
C THR B 41 23.87 12.06 3.60
N VAL B 42 22.74 11.60 4.17
CA VAL B 42 22.76 10.49 5.12
C VAL B 42 21.94 9.33 4.54
N ILE B 43 22.61 8.20 4.31
CA ILE B 43 21.97 6.96 3.85
C ILE B 43 21.82 6.08 5.12
N GLY B 44 20.61 5.63 5.40
CA GLY B 44 20.35 4.83 6.57
C GLY B 44 20.82 3.40 6.33
N PRO B 45 20.46 2.47 7.25
CA PRO B 45 20.82 1.06 7.05
C PRO B 45 19.86 0.37 6.10
N HIS B 46 20.22 -0.81 5.52
CA HIS B 46 19.28 -1.55 4.68
C HIS B 46 18.74 -0.78 3.49
N VAL B 47 19.54 0.13 2.91
CA VAL B 47 19.12 0.88 1.72
C VAL B 47 19.76 0.26 0.51
N VAL B 48 19.04 0.22 -0.62
CA VAL B 48 19.65 -0.25 -1.89
C VAL B 48 19.68 0.91 -2.85
N LEU B 49 20.88 1.34 -3.26
CA LEU B 49 21.02 2.44 -4.23
C LEU B 49 21.61 1.84 -5.49
N LYS B 50 20.95 2.05 -6.62
CA LYS B 50 21.39 1.53 -7.91
C LYS B 50 21.54 2.68 -8.87
N GLY B 51 22.49 2.57 -9.78
CA GLY B 51 22.74 3.66 -10.71
C GLY B 51 22.50 3.33 -12.17
N PRO B 52 22.79 4.28 -13.10
CA PRO B 52 23.38 5.63 -12.91
C PRO B 52 22.45 6.57 -12.18
N THR B 53 22.90 7.05 -11.02
CA THR B 53 22.08 7.90 -10.15
C THR B 53 22.91 9.00 -9.57
N LYS B 54 22.35 10.21 -9.49
CA LYS B 54 23.01 11.33 -8.85
C LYS B 54 22.10 11.79 -7.75
N ILE B 55 22.61 11.78 -6.51
CA ILE B 55 21.89 12.28 -5.32
C ILE B 55 22.64 13.52 -4.85
N GLY B 56 21.90 14.61 -4.63
CA GLY B 56 22.51 15.87 -4.25
C GLY B 56 22.92 15.96 -2.79
N LYS B 57 22.84 17.16 -2.27
CA LYS B 57 23.30 17.49 -0.94
C LYS B 57 22.23 17.43 0.11
N HIS B 58 22.64 17.11 1.34
CA HIS B 58 21.79 17.18 2.52
C HIS B 58 20.50 16.37 2.40
N ASN B 59 20.54 15.25 1.69
CA ASN B 59 19.39 14.36 1.60
C ASN B 59 19.43 13.34 2.75
N ARG B 60 18.29 12.72 3.02
CA ARG B 60 18.18 11.67 4.03
CA ARG B 60 18.19 11.67 4.02
C ARG B 60 17.41 10.53 3.37
N ILE B 61 18.00 9.31 3.33
CA ILE B 61 17.32 8.13 2.71
C ILE B 61 17.23 7.03 3.75
N TYR B 62 15.99 6.67 4.11
CA TYR B 62 15.74 5.71 5.17
C TYR B 62 15.72 4.26 4.69
N GLN B 63 15.82 3.38 5.68
CA GLN B 63 15.92 1.93 5.54
C GLN B 63 14.84 1.31 4.65
N PHE B 64 15.22 0.26 3.94
CA PHE B 64 14.33 -0.57 3.12
C PHE B 64 13.88 0.11 1.83
N SER B 65 14.51 1.24 1.48
CA SER B 65 14.24 1.96 0.23
C SER B 65 15.06 1.32 -0.88
N SER B 66 14.54 1.35 -2.13
CA SER B 66 15.24 0.87 -3.32
C SER B 66 15.18 2.06 -4.26
N VAL B 67 16.31 2.73 -4.39
CA VAL B 67 16.44 3.96 -5.16
C VAL B 67 17.31 3.74 -6.34
N GLY B 68 16.74 3.93 -7.52
CA GLY B 68 17.48 3.80 -8.77
C GLY B 68 17.26 2.48 -9.44
N GLU B 69 16.10 1.84 -9.21
CA GLU B 69 15.74 0.56 -9.84
C GLU B 69 15.53 0.72 -11.35
N ASP B 70 15.75 -0.37 -12.09
CA ASP B 70 15.60 -0.39 -13.54
C ASP B 70 14.21 0.04 -14.01
N THR B 71 14.18 0.74 -15.15
CA THR B 71 12.97 1.25 -15.80
C THR B 71 12.29 0.10 -16.59
N PRO B 72 10.96 -0.11 -16.39
CA PRO B 72 10.28 -1.22 -17.10
C PRO B 72 10.06 -0.97 -18.60
N LYS B 75 13.48 0.91 -25.00
CA LYS B 75 13.47 0.86 -26.47
C LYS B 75 14.50 -0.14 -27.00
N TYR B 76 15.66 -0.27 -26.31
CA TYR B 76 16.75 -1.19 -26.65
C TYR B 76 17.63 -1.52 -25.44
N LYS B 77 18.28 -2.70 -25.46
CA LYS B 77 19.17 -3.20 -24.41
C LYS B 77 20.46 -2.35 -24.36
N GLY B 78 20.75 -1.82 -23.17
CA GLY B 78 21.93 -1.00 -22.94
C GLY B 78 21.72 0.50 -23.08
N GLU B 79 20.45 0.93 -23.25
CA GLU B 79 20.09 2.35 -23.38
C GLU B 79 20.41 3.05 -22.03
N PRO B 80 21.29 4.09 -22.04
CA PRO B 80 21.65 4.77 -20.77
C PRO B 80 20.43 5.42 -20.12
N THR B 81 20.21 5.10 -18.85
CA THR B 81 19.09 5.61 -18.06
C THR B 81 19.66 6.33 -16.84
N ARG B 82 18.91 7.27 -16.24
CA ARG B 82 19.42 7.99 -15.09
C ARG B 82 18.34 8.34 -14.10
N LEU B 83 18.74 8.57 -12.85
CA LEU B 83 17.89 9.11 -11.80
C LEU B 83 18.68 10.28 -11.23
N VAL B 84 18.03 11.44 -11.09
CA VAL B 84 18.66 12.63 -10.51
C VAL B 84 17.78 13.10 -9.36
N ILE B 85 18.38 13.23 -8.17
CA ILE B 85 17.71 13.73 -6.97
C ILE B 85 18.48 14.98 -6.54
N GLY B 86 17.75 16.04 -6.22
CA GLY B 86 18.30 17.32 -5.82
C GLY B 86 18.75 17.33 -4.37
N ASP B 87 18.52 18.45 -3.68
CA ASP B 87 19.02 18.69 -2.34
C ASP B 87 17.94 18.77 -1.31
N HIS B 88 18.29 18.51 -0.04
CA HIS B 88 17.39 18.67 1.09
C HIS B 88 16.12 17.86 0.98
N ASN B 89 16.19 16.67 0.36
CA ASN B 89 15.00 15.80 0.27
C ASN B 89 15.04 14.74 1.38
N VAL B 90 13.88 14.24 1.77
CA VAL B 90 13.73 13.16 2.75
C VAL B 90 12.97 12.04 2.01
N ILE B 91 13.58 10.85 1.95
CA ILE B 91 12.99 9.66 1.33
C ILE B 91 12.85 8.66 2.49
N ARG B 92 11.61 8.41 2.90
CA ARG B 92 11.33 7.58 4.04
C ARG B 92 11.45 6.10 3.72
N GLU B 93 11.10 5.25 4.71
CA GLU B 93 11.28 3.80 4.59
C GLU B 93 10.52 3.19 3.46
N GLY B 94 11.14 2.20 2.79
CA GLY B 94 10.45 1.40 1.78
C GLY B 94 10.09 2.10 0.47
N VAL B 95 10.59 3.35 0.25
CA VAL B 95 10.27 4.06 -1.01
C VAL B 95 10.95 3.37 -2.16
N THR B 96 10.27 3.31 -3.33
CA THR B 96 10.86 2.74 -4.56
C THR B 96 10.88 3.84 -5.61
N ILE B 97 12.05 4.08 -6.19
CA ILE B 97 12.19 5.12 -7.24
C ILE B 97 12.90 4.49 -8.40
N HIS B 98 12.27 4.52 -9.60
CA HIS B 98 12.86 3.93 -10.79
C HIS B 98 13.56 4.98 -11.63
N ARG B 99 14.58 4.58 -12.39
CA ARG B 99 15.32 5.49 -13.28
C ARG B 99 14.47 5.71 -14.55
N GLY B 100 14.96 6.55 -15.45
CA GLY B 100 14.31 6.87 -16.72
C GLY B 100 15.31 7.09 -17.83
N THR B 101 14.85 7.07 -19.09
CA THR B 101 15.68 7.20 -20.30
C THR B 101 16.29 8.62 -20.51
N VAL B 102 17.62 8.68 -20.79
CA VAL B 102 18.43 9.90 -20.98
C VAL B 102 18.23 10.49 -22.39
N GLN B 103 18.33 9.62 -23.42
CA GLN B 103 18.20 9.91 -24.85
C GLN B 103 17.07 10.90 -25.21
N ASP B 104 15.87 10.66 -24.67
CA ASP B 104 14.67 11.45 -24.93
C ASP B 104 14.40 12.52 -23.86
N ARG B 105 15.43 12.84 -23.04
CA ARG B 105 15.38 13.82 -21.93
C ARG B 105 14.21 13.46 -20.99
N ALA B 106 14.06 12.16 -20.69
CA ALA B 106 12.98 11.67 -19.86
C ALA B 106 13.48 10.96 -18.61
N GLU B 107 14.72 11.25 -18.13
CA GLU B 107 15.23 10.60 -16.90
C GLU B 107 14.27 10.85 -15.73
N THR B 108 14.36 10.06 -14.63
CA THR B 108 13.49 10.39 -13.50
C THR B 108 14.17 11.51 -12.73
N THR B 109 13.43 12.56 -12.39
CA THR B 109 14.01 13.73 -11.73
C THR B 109 13.24 14.11 -10.49
N ILE B 110 13.98 14.40 -9.42
CA ILE B 110 13.41 14.93 -8.17
C ILE B 110 14.18 16.21 -7.83
N GLY B 111 13.46 17.29 -7.52
CA GLY B 111 14.05 18.58 -7.19
C GLY B 111 14.54 18.64 -5.76
N ASP B 112 14.22 19.76 -5.08
CA ASP B 112 14.70 20.03 -3.74
C ASP B 112 13.60 20.15 -2.75
N HIS B 113 13.93 19.92 -1.47
CA HIS B 113 13.03 20.11 -0.34
C HIS B 113 11.76 19.27 -0.42
N ASN B 114 11.84 18.09 -1.04
CA ASN B 114 10.67 17.19 -1.15
C ASN B 114 10.61 16.23 0.02
N LEU B 115 9.42 15.76 0.35
CA LEU B 115 9.27 14.77 1.41
C LEU B 115 8.52 13.61 0.76
N ILE B 116 9.18 12.47 0.66
CA ILE B 116 8.61 11.29 0.01
C ILE B 116 8.46 10.24 1.14
N MET B 117 7.22 10.03 1.58
CA MET B 117 6.95 9.27 2.77
C MET B 117 6.89 7.76 2.51
N ALA B 118 6.80 6.99 3.58
CA ALA B 118 6.94 5.54 3.57
C ALA B 118 6.21 4.84 2.44
N TYR B 119 6.92 3.95 1.72
CA TYR B 119 6.37 3.07 0.68
C TYR B 119 5.79 3.80 -0.53
N ALA B 120 6.08 5.11 -0.65
CA ALA B 120 5.66 5.84 -1.88
C ALA B 120 6.42 5.24 -3.04
N HIS B 121 5.84 5.32 -4.25
CA HIS B 121 6.44 4.76 -5.46
C HIS B 121 6.55 5.84 -6.53
N ILE B 122 7.73 6.03 -7.07
CA ILE B 122 7.95 7.03 -8.14
C ILE B 122 8.37 6.25 -9.42
N GLY B 123 7.42 6.10 -10.34
CA GLY B 123 7.66 5.33 -11.54
C GLY B 123 8.55 6.04 -12.53
N HIS B 124 9.13 5.26 -13.42
CA HIS B 124 10.03 5.71 -14.45
C HIS B 124 9.60 6.99 -15.16
N ASP B 125 10.60 7.87 -15.44
CA ASP B 125 10.41 9.11 -16.20
C ASP B 125 9.52 10.16 -15.49
N SER B 126 9.23 9.96 -14.20
CA SER B 126 8.45 10.95 -13.46
C SER B 126 9.36 12.13 -13.13
N VAL B 127 8.76 13.32 -12.92
CA VAL B 127 9.50 14.53 -12.60
C VAL B 127 8.79 15.18 -11.43
N ILE B 128 9.46 15.31 -10.29
CA ILE B 128 8.90 15.98 -9.10
C ILE B 128 9.69 17.27 -8.96
N GLY B 129 8.99 18.37 -8.68
CA GLY B 129 9.58 19.69 -8.50
C GLY B 129 10.16 19.88 -7.11
N ASN B 130 9.84 21.01 -6.48
CA ASN B 130 10.36 21.39 -5.18
C ASN B 130 9.25 21.51 -4.19
N HIS B 131 9.55 21.23 -2.92
CA HIS B 131 8.65 21.42 -1.79
C HIS B 131 7.39 20.56 -1.87
N CYS B 132 7.46 19.46 -2.62
CA CYS B 132 6.31 18.54 -2.69
C CYS B 132 6.28 17.60 -1.49
N ILE B 133 5.07 17.06 -1.21
CA ILE B 133 4.87 16.07 -0.16
C ILE B 133 4.09 14.92 -0.80
N LEU B 134 4.73 13.75 -0.87
CA LEU B 134 4.07 12.53 -1.37
C LEU B 134 3.88 11.68 -0.09
N VAL B 135 2.65 11.56 0.38
CA VAL B 135 2.38 10.90 1.64
C VAL B 135 2.46 9.36 1.44
N ASN B 136 2.49 8.60 2.57
CA ASN B 136 2.64 7.14 2.57
C ASN B 136 1.91 6.49 1.40
N ASN B 137 2.58 5.59 0.72
CA ASN B 137 1.99 4.75 -0.30
C ASN B 137 1.41 5.50 -1.50
N THR B 138 1.78 6.79 -1.70
CA THR B 138 1.38 7.47 -2.95
C THR B 138 2.13 6.76 -4.06
N ALA B 139 1.48 6.52 -5.22
CA ALA B 139 2.16 5.79 -6.30
C ALA B 139 1.97 6.55 -7.60
N LEU B 140 3.09 6.91 -8.22
CA LEU B 140 3.10 7.59 -9.52
C LEU B 140 3.42 6.49 -10.52
N ALA B 141 2.47 6.17 -11.40
CA ALA B 141 2.68 5.04 -12.35
C ALA B 141 3.87 5.16 -13.26
N GLY B 142 4.16 6.36 -13.74
CA GLY B 142 5.23 6.56 -14.72
C GLY B 142 4.92 7.78 -15.57
N HIS B 143 5.95 8.51 -15.98
CA HIS B 143 5.77 9.72 -16.79
C HIS B 143 4.85 10.76 -16.09
N VAL B 144 4.83 10.77 -14.75
CA VAL B 144 3.99 11.74 -14.01
C VAL B 144 4.82 12.98 -13.73
N HIS B 145 4.21 14.18 -13.85
CA HIS B 145 4.94 15.42 -13.54
C HIS B 145 4.24 16.02 -12.33
N VAL B 146 4.96 16.23 -11.24
CA VAL B 146 4.40 16.84 -10.03
C VAL B 146 5.10 18.19 -9.86
N ASP B 147 4.30 19.27 -9.95
CA ASP B 147 4.84 20.63 -9.85
C ASP B 147 4.98 21.06 -8.40
N ASP B 148 5.69 22.17 -8.19
CA ASP B 148 6.05 22.66 -6.86
C ASP B 148 4.91 22.73 -5.89
N TRP B 149 5.20 22.40 -4.62
CA TRP B 149 4.31 22.52 -3.48
C TRP B 149 3.08 21.61 -3.50
N ALA B 150 2.98 20.67 -4.45
CA ALA B 150 1.82 19.77 -4.47
C ALA B 150 1.85 18.87 -3.25
N ILE B 151 0.67 18.48 -2.74
CA ILE B 151 0.61 17.55 -1.61
C ILE B 151 -0.29 16.41 -2.05
N LEU B 152 0.25 15.18 -2.08
CA LEU B 152 -0.59 14.04 -2.45
C LEU B 152 -0.81 13.24 -1.17
N SER B 153 -2.05 13.18 -0.66
CA SER B 153 -2.31 12.53 0.63
C SER B 153 -2.10 11.02 0.52
N GLY B 154 -2.03 10.36 1.68
CA GLY B 154 -1.74 8.93 1.72
C GLY B 154 -2.54 8.10 0.74
N TYR B 155 -1.86 7.17 0.08
CA TYR B 155 -2.49 6.23 -0.83
C TYR B 155 -3.13 6.88 -2.07
N THR B 156 -2.59 8.03 -2.50
CA THR B 156 -3.04 8.64 -3.76
C THR B 156 -2.39 7.84 -4.89
N LEU B 157 -3.17 7.51 -5.92
CA LEU B 157 -2.73 6.78 -7.11
C LEU B 157 -2.77 7.71 -8.32
N VAL B 158 -1.68 7.76 -9.08
CA VAL B 158 -1.64 8.64 -10.24
C VAL B 158 -1.35 7.83 -11.51
N HIS B 159 -2.26 7.93 -12.47
CA HIS B 159 -2.16 7.27 -13.78
C HIS B 159 -0.97 7.80 -14.55
N GLN B 160 -0.37 6.95 -15.41
CA GLN B 160 0.74 7.37 -16.25
C GLN B 160 0.40 8.64 -17.04
N TYR B 161 1.41 9.51 -17.24
CA TYR B 161 1.33 10.74 -18.05
C TYR B 161 0.54 11.88 -17.40
N CYS B 162 -0.03 11.68 -16.21
CA CYS B 162 -0.78 12.75 -15.54
C CYS B 162 0.13 13.87 -15.04
N ARG B 163 -0.39 15.11 -15.03
CA ARG B 163 0.34 16.27 -14.55
C ARG B 163 -0.39 16.77 -13.30
N ILE B 164 0.35 16.90 -12.19
CA ILE B 164 -0.19 17.37 -10.91
C ILE B 164 0.30 18.80 -10.76
N GLY B 165 -0.64 19.74 -10.75
CA GLY B 165 -0.32 21.17 -10.74
C GLY B 165 0.32 21.70 -9.48
N ALA B 166 1.00 22.87 -9.59
CA ALA B 166 1.66 23.50 -8.44
C ALA B 166 0.62 23.80 -7.37
N HIS B 167 0.98 23.59 -6.11
CA HIS B 167 0.11 23.89 -4.96
C HIS B 167 -1.21 23.10 -4.96
N SER B 168 -1.33 22.03 -5.76
CA SER B 168 -2.57 21.25 -5.74
C SER B 168 -2.57 20.32 -4.55
N PHE B 169 -3.71 19.67 -4.29
CA PHE B 169 -3.82 18.77 -3.14
C PHE B 169 -4.73 17.60 -3.47
N SER B 170 -4.35 16.38 -3.07
CA SER B 170 -5.28 15.25 -3.23
C SER B 170 -5.61 14.72 -1.86
N GLY B 171 -6.87 14.33 -1.66
CA GLY B 171 -7.31 13.71 -0.42
C GLY B 171 -6.84 12.26 -0.36
N MET B 172 -6.92 11.67 0.84
CA MET B 172 -6.40 10.30 0.97
C MET B 172 -7.13 9.30 0.05
N GLY B 173 -6.36 8.40 -0.51
CA GLY B 173 -6.91 7.38 -1.38
C GLY B 173 -7.47 7.87 -2.72
N SER B 174 -7.10 9.10 -3.17
CA SER B 174 -7.59 9.63 -4.47
C SER B 174 -7.00 8.80 -5.62
N ALA B 175 -7.78 8.55 -6.69
CA ALA B 175 -7.28 7.80 -7.85
C ALA B 175 -7.38 8.79 -9.00
N ILE B 176 -6.25 9.33 -9.37
CA ILE B 176 -6.14 10.42 -10.33
C ILE B 176 -5.86 9.88 -11.73
N GLY B 177 -6.83 10.08 -12.63
CA GLY B 177 -6.67 9.61 -14.01
C GLY B 177 -6.49 10.71 -15.02
N LYS B 178 -6.80 11.95 -14.62
CA LYS B 178 -6.71 13.11 -15.50
C LYS B 178 -5.78 14.13 -14.87
N ASP B 179 -5.41 15.18 -15.61
CA ASP B 179 -4.53 16.20 -15.04
C ASP B 179 -5.18 16.97 -13.89
N VAL B 180 -4.38 17.36 -12.88
CA VAL B 180 -4.92 18.15 -11.78
C VAL B 180 -4.40 19.58 -11.99
N PRO B 181 -5.27 20.57 -12.26
CA PRO B 181 -4.75 21.94 -12.43
C PRO B 181 -4.10 22.47 -11.15
N ALA B 182 -3.22 23.46 -11.31
CA ALA B 182 -2.59 24.10 -10.15
C ALA B 182 -3.65 24.59 -9.17
N TYR B 183 -3.33 24.49 -7.85
CA TYR B 183 -4.19 24.91 -6.71
C TYR B 183 -5.41 24.04 -6.45
N VAL B 184 -5.78 23.17 -7.36
CA VAL B 184 -7.04 22.43 -7.22
C VAL B 184 -6.95 21.32 -6.18
N THR B 185 -8.03 21.14 -5.40
CA THR B 185 -8.10 20.05 -4.41
C THR B 185 -8.96 18.95 -5.05
N VAL B 186 -8.46 17.70 -5.04
CA VAL B 186 -9.19 16.57 -5.63
C VAL B 186 -9.38 15.47 -4.60
N PHE B 187 -10.51 14.74 -4.71
CA PHE B 187 -10.83 13.68 -3.74
C PHE B 187 -11.54 12.51 -4.40
N GLY B 188 -11.36 11.33 -3.83
CA GLY B 188 -12.11 10.14 -4.24
C GLY B 188 -11.51 9.26 -5.30
N ASN B 189 -12.20 8.15 -5.53
CA ASN B 189 -11.81 7.16 -6.52
C ASN B 189 -13.04 6.88 -7.38
N PRO B 190 -13.15 7.41 -8.61
CA PRO B 190 -12.18 8.27 -9.34
C PRO B 190 -12.11 9.68 -8.74
N ALA B 191 -10.95 10.37 -8.88
CA ALA B 191 -10.81 11.71 -8.32
C ALA B 191 -11.77 12.72 -8.93
N GLU B 192 -12.29 13.63 -8.09
CA GLU B 192 -13.17 14.72 -8.51
C GLU B 192 -12.65 16.05 -7.92
N ALA B 193 -12.71 17.15 -8.70
CA ALA B 193 -12.26 18.46 -8.20
C ALA B 193 -13.29 18.93 -7.20
N ARG B 194 -12.82 19.51 -6.09
CA ARG B 194 -13.73 20.01 -5.06
C ARG B 194 -13.62 21.52 -4.94
N SER B 195 -12.39 22.04 -4.80
CA SER B 195 -12.18 23.47 -4.60
C SER B 195 -10.75 23.82 -4.93
N MET B 196 -10.27 24.91 -4.35
CA MET B 196 -8.87 25.31 -4.46
C MET B 196 -8.24 25.29 -3.10
N ASN B 197 -6.94 25.13 -3.07
CA ASN B 197 -6.17 25.05 -1.84
C ASN B 197 -5.86 26.48 -1.33
N PHE B 198 -6.90 27.19 -0.86
CA PHE B 198 -6.76 28.55 -0.32
C PHE B 198 -5.87 28.60 0.92
N GLU B 199 -5.90 27.53 1.72
CA GLU B 199 -5.08 27.39 2.92
C GLU B 199 -3.60 27.45 2.56
N GLY B 200 -3.21 26.71 1.51
CA GLY B 200 -1.85 26.69 1.00
C GLY B 200 -1.42 28.04 0.47
N MET B 201 -2.30 28.75 -0.28
CA MET B 201 -1.99 30.10 -0.79
C MET B 201 -1.69 31.06 0.36
N ARG B 202 -2.45 31.00 1.46
CA ARG B 202 -2.23 31.86 2.62
C ARG B 202 -0.93 31.53 3.34
N ARG B 203 -0.56 30.25 3.40
CA ARG B 203 0.70 29.86 4.02
C ARG B 203 1.88 30.39 3.21
N ARG B 204 1.73 30.42 1.87
CA ARG B 204 2.73 30.91 0.92
C ARG B 204 2.81 32.43 0.85
N GLY B 205 1.87 33.13 1.49
CA GLY B 205 1.83 34.59 1.50
C GLY B 205 1.24 35.22 0.26
N PHE B 206 0.33 34.52 -0.46
CA PHE B 206 -0.31 35.13 -1.64
C PHE B 206 -1.14 36.33 -1.17
N SER B 207 -1.24 37.38 -1.98
CA SER B 207 -2.05 38.54 -1.61
C SER B 207 -3.53 38.16 -1.62
N SER B 208 -4.36 38.94 -0.91
CA SER B 208 -5.82 38.79 -0.90
C SER B 208 -6.35 38.92 -2.33
N GLU B 209 -5.78 39.85 -3.12
CA GLU B 209 -6.15 40.12 -4.52
C GLU B 209 -5.89 38.87 -5.43
N ALA B 210 -4.72 38.23 -5.31
CA ALA B 210 -4.38 37.04 -6.09
C ALA B 210 -5.31 35.88 -5.72
N ILE B 211 -5.59 35.70 -4.40
CA ILE B 211 -6.49 34.66 -3.89
C ILE B 211 -7.90 34.90 -4.48
N HIS B 212 -8.37 36.14 -4.44
CA HIS B 212 -9.66 36.53 -5.00
C HIS B 212 -9.72 36.18 -6.50
N ALA B 213 -8.66 36.50 -7.26
CA ALA B 213 -8.60 36.24 -8.70
C ALA B 213 -8.56 34.73 -8.99
N LEU B 214 -7.91 33.96 -8.10
CA LEU B 214 -7.87 32.49 -8.24
C LEU B 214 -9.23 31.88 -7.92
N ARG B 215 -9.94 32.42 -6.93
CA ARG B 215 -11.28 31.95 -6.58
C ARG B 215 -12.24 32.16 -7.79
N ARG B 216 -12.15 33.31 -8.46
CA ARG B 216 -12.95 33.67 -9.65
C ARG B 216 -12.57 32.73 -10.81
N ALA B 217 -11.25 32.45 -10.96
CA ALA B 217 -10.71 31.57 -12.01
C ALA B 217 -11.25 30.15 -11.89
N TYR B 218 -11.34 29.61 -10.64
CA TYR B 218 -11.88 28.26 -10.41
C TYR B 218 -13.34 28.24 -10.94
N LYS B 219 -14.12 29.27 -10.59
CA LYS B 219 -15.52 29.39 -11.03
C LYS B 219 -15.66 29.42 -12.56
N VAL B 220 -14.77 30.16 -13.25
CA VAL B 220 -14.74 30.27 -14.70
C VAL B 220 -14.60 28.86 -15.32
N VAL B 221 -13.64 28.09 -14.82
CA VAL B 221 -13.36 26.74 -15.32
C VAL B 221 -14.43 25.69 -14.93
N TYR B 222 -14.88 25.68 -13.67
CA TYR B 222 -15.70 24.62 -13.12
C TYR B 222 -17.17 24.86 -12.82
N ARG B 223 -17.61 26.12 -12.66
CA ARG B 223 -18.98 26.35 -12.21
C ARG B 223 -19.87 27.19 -13.13
N GLN B 224 -19.43 27.50 -14.36
CA GLN B 224 -20.21 28.37 -15.25
C GLN B 224 -20.54 27.72 -16.62
N GLY B 225 -20.41 26.40 -16.71
CA GLY B 225 -20.72 25.63 -17.90
C GLY B 225 -19.87 25.92 -19.13
N HIS B 226 -18.70 26.54 -18.94
CA HIS B 226 -17.78 26.84 -20.04
C HIS B 226 -17.03 25.60 -20.48
N THR B 227 -16.65 25.56 -21.77
CA THR B 227 -15.79 24.49 -22.29
C THR B 227 -14.38 24.93 -21.89
N VAL B 228 -13.38 24.01 -21.94
CA VAL B 228 -11.99 24.34 -21.61
C VAL B 228 -11.49 25.51 -22.47
N GLU B 229 -11.77 25.48 -23.81
CA GLU B 229 -11.40 26.51 -24.78
C GLU B 229 -11.98 27.88 -24.39
N GLU B 230 -13.29 27.93 -24.06
CA GLU B 230 -14.00 29.15 -23.62
C GLU B 230 -13.43 29.67 -22.29
N ALA B 231 -13.12 28.75 -21.35
CA ALA B 231 -12.55 29.09 -20.05
C ALA B 231 -11.16 29.71 -20.22
N LEU B 232 -10.29 29.11 -21.07
CA LEU B 232 -8.94 29.62 -21.32
C LEU B 232 -8.92 31.04 -21.88
N ALA B 233 -9.90 31.36 -22.76
CA ALA B 233 -10.05 32.69 -23.36
C ALA B 233 -10.47 33.72 -22.29
N GLU B 234 -11.42 33.34 -21.41
CA GLU B 234 -11.94 34.16 -20.31
C GLU B 234 -10.87 34.48 -19.24
N LEU B 235 -9.92 33.55 -19.02
CA LEU B 235 -8.85 33.72 -18.02
C LEU B 235 -7.66 34.56 -18.53
N ALA B 236 -7.52 34.72 -19.87
CA ALA B 236 -6.42 35.44 -20.52
C ALA B 236 -6.05 36.78 -19.86
N GLU B 237 -7.05 37.64 -19.62
CA GLU B 237 -6.87 38.95 -19.01
C GLU B 237 -6.33 38.85 -17.57
N SER B 238 -6.99 38.06 -16.70
CA SER B 238 -6.56 37.84 -15.32
C SER B 238 -5.16 37.20 -15.23
N ALA B 239 -4.85 36.25 -16.14
CA ALA B 239 -3.54 35.58 -16.20
C ALA B 239 -2.37 36.55 -16.49
N ALA B 240 -2.60 37.56 -17.37
CA ALA B 240 -1.59 38.57 -17.70
C ALA B 240 -1.30 39.48 -16.50
N GLN B 241 -2.30 39.70 -15.65
CA GLN B 241 -2.19 40.57 -14.47
C GLN B 241 -1.68 39.88 -13.21
N PHE B 242 -2.05 38.60 -12.99
CA PHE B 242 -1.62 37.84 -11.82
C PHE B 242 -0.79 36.61 -12.24
N PRO B 243 0.54 36.58 -11.92
CA PRO B 243 1.36 35.40 -12.26
C PRO B 243 0.79 34.08 -11.72
N GLU B 244 0.09 34.11 -10.56
CA GLU B 244 -0.54 32.92 -9.94
C GLU B 244 -1.70 32.42 -10.82
N VAL B 245 -2.48 33.36 -11.40
CA VAL B 245 -3.56 32.97 -12.32
C VAL B 245 -2.94 32.41 -13.61
N ALA B 246 -1.80 32.98 -14.07
CA ALA B 246 -1.08 32.45 -15.21
C ALA B 246 -0.69 30.97 -14.92
N VAL B 247 -0.21 30.63 -13.70
CA VAL B 247 0.14 29.23 -13.30
C VAL B 247 -1.09 28.31 -13.46
N PHE B 248 -2.27 28.78 -13.05
CA PHE B 248 -3.52 28.02 -13.12
C PHE B 248 -3.91 27.84 -14.59
N ARG B 249 -3.96 28.96 -15.37
CA ARG B 249 -4.31 28.94 -16.80
CA ARG B 249 -4.33 28.93 -16.79
C ARG B 249 -3.37 28.01 -17.56
N ASP B 250 -2.03 28.14 -17.34
CA ASP B 250 -0.98 27.34 -17.97
C ASP B 250 -1.16 25.85 -17.69
N SER B 251 -1.53 25.47 -16.45
CA SER B 251 -1.76 24.06 -16.10
C SER B 251 -2.96 23.51 -16.87
N ILE B 252 -4.00 24.32 -17.12
CA ILE B 252 -5.14 23.85 -17.89
C ILE B 252 -4.75 23.77 -19.39
N GLN B 253 -3.96 24.74 -19.86
CA GLN B 253 -3.48 24.80 -21.26
C GLN B 253 -2.66 23.55 -21.63
N SER B 254 -1.79 23.11 -20.72
CA SER B 254 -0.89 21.98 -20.89
C SER B 254 -1.51 20.60 -20.51
N ALA B 255 -2.82 20.57 -20.19
CA ALA B 255 -3.47 19.32 -19.80
C ALA B 255 -3.75 18.40 -21.00
N THR B 256 -2.93 17.35 -21.18
CA THR B 256 -3.08 16.43 -22.32
C THR B 256 -4.11 15.31 -22.08
N ARG B 257 -4.45 15.03 -20.81
CA ARG B 257 -5.42 13.98 -20.50
C ARG B 257 -6.78 14.56 -20.08
N GLY B 258 -6.95 15.86 -20.28
CA GLY B 258 -8.15 16.58 -19.84
C GLY B 258 -7.98 16.92 -18.37
N ILE B 259 -8.88 17.73 -17.81
CA ILE B 259 -8.71 18.10 -16.40
C ILE B 259 -9.65 17.33 -15.51
N THR B 260 -9.25 17.09 -14.26
CA THR B 260 -10.10 16.46 -13.26
C THR B 260 -11.28 17.40 -12.99
N ARG B 261 -12.52 16.89 -13.07
CA ARG B 261 -13.72 17.69 -12.80
C ARG B 261 -14.46 17.24 -11.54
N MET C 4 22.21 -20.05 17.59
CA MET C 4 22.27 -20.58 18.96
C MET C 4 22.00 -19.47 20.00
N SER C 5 22.87 -18.43 20.05
CA SER C 5 22.78 -17.29 20.98
C SER C 5 21.43 -16.55 20.81
N LEU C 6 20.79 -16.13 21.91
CA LEU C 6 19.48 -15.44 21.86
C LEU C 6 19.53 -14.13 21.10
N ILE C 7 20.61 -13.35 21.32
CA ILE C 7 20.82 -12.11 20.59
C ILE C 7 21.79 -12.50 19.52
N ASP C 8 21.37 -12.45 18.23
CA ASP C 8 22.26 -12.85 17.15
C ASP C 8 23.52 -11.96 17.18
N PRO C 9 24.73 -12.49 16.95
CA PRO C 9 25.94 -11.63 16.95
C PRO C 9 25.99 -10.57 15.83
N ARG C 10 25.11 -10.71 14.83
CA ARG C 10 25.03 -9.78 13.71
C ARG C 10 23.99 -8.66 13.98
N ALA C 11 23.34 -8.68 15.15
CA ALA C 11 22.39 -7.61 15.54
C ALA C 11 23.18 -6.49 16.23
N ILE C 12 22.58 -5.29 16.29
CA ILE C 12 23.18 -4.14 16.94
C ILE C 12 22.28 -3.78 18.09
N ILE C 13 22.80 -3.86 19.33
CA ILE C 13 22.02 -3.52 20.53
C ILE C 13 22.67 -2.29 21.12
N ASP C 14 21.94 -1.15 21.15
CA ASP C 14 22.53 0.09 21.70
C ASP C 14 22.82 -0.11 23.21
N PRO C 15 23.95 0.43 23.70
CA PRO C 15 24.26 0.29 25.15
C PRO C 15 23.18 0.82 26.11
N SER C 16 22.33 1.79 25.68
CA SER C 16 21.28 2.33 26.59
C SER C 16 19.98 1.50 26.54
N ALA C 17 19.88 0.56 25.62
CA ALA C 17 18.68 -0.32 25.50
C ALA C 17 18.65 -1.24 26.74
N ARG C 18 17.47 -1.59 27.20
CA ARG C 18 17.29 -2.46 28.38
C ARG C 18 16.47 -3.66 27.96
N LEU C 19 17.04 -4.87 28.01
CA LEU C 19 16.31 -6.06 27.56
C LEU C 19 16.17 -7.07 28.70
N ALA C 20 15.03 -7.79 28.74
CA ALA C 20 14.90 -8.89 29.69
C ALA C 20 15.88 -10.02 29.19
N ALA C 21 16.37 -10.84 30.11
CA ALA C 21 17.39 -11.86 29.79
C ALA C 21 17.05 -12.78 28.61
N ASP C 22 15.76 -13.17 28.45
CA ASP C 22 15.43 -14.18 27.44
C ASP C 22 15.00 -13.58 26.07
N VAL C 23 15.15 -12.26 25.87
CA VAL C 23 14.77 -11.63 24.58
C VAL C 23 15.62 -12.20 23.43
N GLN C 24 14.95 -12.51 22.30
CA GLN C 24 15.60 -12.99 21.09
C GLN C 24 15.64 -11.88 20.08
N VAL C 25 16.81 -11.67 19.48
CA VAL C 25 16.97 -10.64 18.41
C VAL C 25 17.66 -11.31 17.26
N GLY C 26 17.07 -11.25 16.08
CA GLY C 26 17.64 -11.91 14.92
C GLY C 26 18.76 -11.14 14.25
N PRO C 27 19.35 -11.71 13.19
CA PRO C 27 20.48 -11.04 12.54
C PRO C 27 20.09 -9.76 11.85
N TRP C 28 21.05 -8.81 11.80
CA TRP C 28 20.88 -7.54 11.10
C TRP C 28 19.72 -6.68 11.61
N SER C 29 19.34 -6.83 12.89
CA SER C 29 18.32 -6.02 13.52
C SER C 29 19.02 -4.99 14.38
N ILE C 30 18.39 -3.81 14.57
CA ILE C 30 18.96 -2.74 15.36
C ILE C 30 18.00 -2.44 16.46
N VAL C 31 18.48 -2.58 17.71
CA VAL C 31 17.69 -2.24 18.90
C VAL C 31 18.34 -0.91 19.32
N GLY C 32 17.67 0.18 18.99
CA GLY C 32 18.19 1.53 19.15
C GLY C 32 18.31 2.01 20.58
N ALA C 33 18.83 3.23 20.74
CA ALA C 33 18.95 3.83 22.07
C ALA C 33 17.58 4.00 22.66
N GLU C 34 17.48 3.81 23.97
CA GLU C 34 16.29 4.03 24.77
C GLU C 34 15.12 3.10 24.40
N VAL C 35 15.44 1.89 23.90
CA VAL C 35 14.42 0.89 23.61
C VAL C 35 14.46 -0.09 24.80
N GLU C 36 13.31 -0.41 25.35
CA GLU C 36 13.17 -1.35 26.48
C GLU C 36 12.35 -2.54 25.90
N ILE C 37 12.82 -3.82 26.10
CA ILE C 37 12.11 -5.01 25.54
C ILE C 37 11.89 -6.05 26.67
N GLY C 38 10.62 -6.47 26.85
CA GLY C 38 10.20 -7.37 27.90
C GLY C 38 10.37 -8.86 27.61
N GLU C 39 10.24 -9.67 28.67
CA GLU C 39 10.43 -11.10 28.69
C GLU C 39 9.64 -11.81 27.60
N GLY C 40 10.26 -12.76 26.91
CA GLY C 40 9.55 -13.58 25.93
C GLY C 40 9.37 -12.98 24.53
N THR C 41 9.82 -11.70 24.32
CA THR C 41 9.69 -11.02 23.03
C THR C 41 10.72 -11.54 22.07
N VAL C 42 10.30 -11.70 20.82
CA VAL C 42 11.17 -12.18 19.74
C VAL C 42 11.17 -11.12 18.66
N ILE C 43 12.36 -10.56 18.38
CA ILE C 43 12.59 -9.60 17.31
C ILE C 43 13.18 -10.41 16.18
N GLY C 44 12.59 -10.29 14.99
CA GLY C 44 13.04 -11.05 13.83
C GLY C 44 14.31 -10.44 13.25
N PRO C 45 14.74 -10.91 12.05
CA PRO C 45 15.91 -10.30 11.40
C PRO C 45 15.46 -9.02 10.70
N HIS C 46 16.42 -8.14 10.34
CA HIS C 46 16.14 -6.90 9.58
C HIS C 46 15.06 -6.02 10.20
N VAL C 47 15.03 -5.94 11.53
CA VAL C 47 14.05 -5.06 12.19
C VAL C 47 14.78 -3.80 12.67
N VAL C 48 14.11 -2.63 12.60
CA VAL C 48 14.69 -1.40 13.14
C VAL C 48 13.80 -0.94 14.27
N LEU C 49 14.36 -0.87 15.47
CA LEU C 49 13.64 -0.37 16.63
C LEU C 49 14.30 0.92 17.06
N LYS C 50 13.50 1.98 17.24
CA LYS C 50 14.05 3.28 17.65
C LYS C 50 13.28 3.70 18.90
N GLY C 51 13.93 4.48 19.77
CA GLY C 51 13.28 4.85 21.01
C GLY C 51 13.12 6.34 21.19
N PRO C 52 12.58 6.79 22.34
CA PRO C 52 12.20 6.02 23.55
C PRO C 52 10.99 5.13 23.30
N THR C 53 11.16 3.82 23.45
CA THR C 53 10.08 2.89 23.15
C THR C 53 10.08 1.79 24.21
N LYS C 54 8.89 1.41 24.68
CA LYS C 54 8.78 0.27 25.60
C LYS C 54 8.00 -0.81 24.84
N ILE C 55 8.57 -2.02 24.77
CA ILE C 55 7.93 -3.18 24.13
C ILE C 55 7.76 -4.20 25.28
N GLY C 56 6.54 -4.68 25.51
CA GLY C 56 6.23 -5.55 26.63
C GLY C 56 6.65 -6.99 26.40
N LYS C 57 5.89 -7.88 26.97
CA LYS C 57 6.21 -9.29 27.02
C LYS C 57 5.58 -10.10 25.91
N HIS C 58 6.27 -11.17 25.48
CA HIS C 58 5.72 -12.12 24.52
C HIS C 58 5.22 -11.52 23.23
N ASN C 59 5.95 -10.52 22.73
CA ASN C 59 5.62 -9.88 21.45
C ASN C 59 6.41 -10.55 20.35
N ARG C 60 5.98 -10.41 19.09
CA ARG C 60 6.74 -10.91 17.95
C ARG C 60 6.78 -9.80 16.94
N ILE C 61 8.01 -9.40 16.53
CA ILE C 61 8.15 -8.32 15.53
C ILE C 61 8.91 -8.85 14.36
N TYR C 62 8.28 -8.82 13.16
CA TYR C 62 8.82 -9.41 11.93
C TYR C 62 9.71 -8.46 11.14
N GLN C 63 10.47 -9.08 10.20
CA GLN C 63 11.43 -8.42 9.34
C GLN C 63 10.89 -7.17 8.63
N PHE C 64 11.81 -6.19 8.40
CA PHE C 64 11.56 -4.99 7.62
C PHE C 64 10.61 -3.99 8.26
N SER C 65 10.27 -4.21 9.54
CA SER C 65 9.45 -3.29 10.34
C SER C 65 10.32 -2.17 10.86
N SER C 66 9.72 -0.98 11.02
CA SER C 66 10.38 0.22 11.60
C SER C 66 9.47 0.66 12.72
N VAL C 67 9.86 0.33 13.95
CA VAL C 67 9.00 0.54 15.10
C VAL C 67 9.68 1.57 16.01
N GLY C 68 8.98 2.66 16.26
CA GLY C 68 9.43 3.76 17.12
C GLY C 68 10.05 4.90 16.35
N GLU C 69 9.61 5.12 15.10
CA GLU C 69 10.10 6.21 14.25
C GLU C 69 9.63 7.55 14.74
N ASP C 70 10.38 8.59 14.40
CA ASP C 70 10.11 9.95 14.84
C ASP C 70 8.74 10.45 14.47
N THR C 71 8.14 11.21 15.40
CA THR C 71 6.85 11.85 15.19
C THR C 71 7.07 13.16 14.37
N PRO C 72 6.18 13.46 13.38
CA PRO C 72 6.38 14.67 12.58
C PRO C 72 5.95 15.95 13.31
N LYS C 75 6.13 20.40 19.08
CA LYS C 75 6.06 21.78 19.57
C LYS C 75 7.45 22.45 19.53
N TYR C 76 8.50 21.69 19.92
CA TYR C 76 9.89 22.16 19.97
C TYR C 76 10.88 20.99 19.84
N LYS C 77 12.14 21.33 19.50
CA LYS C 77 13.23 20.36 19.35
C LYS C 77 13.64 19.78 20.72
N GLY C 78 13.66 18.46 20.81
CA GLY C 78 14.02 17.75 22.03
C GLY C 78 12.85 17.46 22.97
N GLU C 79 11.60 17.72 22.50
CA GLU C 79 10.37 17.44 23.27
C GLU C 79 10.33 15.91 23.46
N PRO C 80 10.22 15.40 24.71
CA PRO C 80 10.23 13.94 24.92
C PRO C 80 9.08 13.23 24.21
N THR C 81 9.37 12.13 23.47
CA THR C 81 8.32 11.40 22.73
C THR C 81 8.47 9.92 23.01
N ARG C 82 7.36 9.16 23.04
CA ARG C 82 7.44 7.76 23.41
C ARG C 82 6.46 6.88 22.63
N LEU C 83 6.79 5.61 22.56
CA LEU C 83 5.91 4.60 21.97
C LEU C 83 5.82 3.49 23.03
N VAL C 84 4.61 3.07 23.40
CA VAL C 84 4.47 1.98 24.36
C VAL C 84 3.66 0.88 23.71
N ILE C 85 4.20 -0.34 23.70
CA ILE C 85 3.52 -1.54 23.18
C ILE C 85 3.37 -2.53 24.36
N GLY C 86 2.17 -3.11 24.52
CA GLY C 86 1.88 -4.04 25.59
C GLY C 86 2.43 -5.43 25.32
N ASP C 87 1.66 -6.46 25.69
CA ASP C 87 2.08 -7.85 25.63
C ASP C 87 1.31 -8.67 24.60
N HIS C 88 1.91 -9.75 24.12
CA HIS C 88 1.21 -10.72 23.26
C HIS C 88 0.73 -10.12 21.95
N ASN C 89 1.48 -9.16 21.41
CA ASN C 89 1.16 -8.53 20.13
C ASN C 89 1.98 -9.17 19.05
N VAL C 90 1.49 -9.09 17.82
CA VAL C 90 2.21 -9.58 16.65
C VAL C 90 2.28 -8.39 15.68
N ILE C 91 3.49 -8.01 15.29
CA ILE C 91 3.70 -6.90 14.34
C ILE C 91 4.36 -7.58 13.13
N ARG C 92 3.66 -7.59 11.99
CA ARG C 92 4.14 -8.33 10.83
C ARG C 92 5.15 -7.53 10.02
N GLU C 93 5.61 -8.10 8.88
CA GLU C 93 6.61 -7.46 8.07
C GLU C 93 6.25 -6.05 7.59
N GLY C 94 7.26 -5.18 7.58
CA GLY C 94 7.16 -3.85 7.02
C GLY C 94 6.27 -2.86 7.73
N VAL C 95 5.79 -3.22 8.93
CA VAL C 95 4.92 -2.30 9.69
C VAL C 95 5.72 -1.06 10.08
N THR C 96 5.07 0.14 10.07
CA THR C 96 5.70 1.37 10.55
C THR C 96 4.88 1.92 11.69
N ILE C 97 5.55 2.21 12.83
CA ILE C 97 4.84 2.71 14.01
C ILE C 97 5.63 3.91 14.48
N HIS C 98 4.97 5.08 14.58
CA HIS C 98 5.63 6.30 15.01
C HIS C 98 5.38 6.61 16.48
N ARG C 99 6.34 7.27 17.12
CA ARG C 99 6.18 7.65 18.56
C ARG C 99 5.20 8.82 18.65
N GLY C 100 4.85 9.22 19.86
CA GLY C 100 3.96 10.35 20.12
C GLY C 100 4.47 11.18 21.29
N THR C 101 3.91 12.37 21.52
CA THR C 101 4.41 13.27 22.58
C THR C 101 3.94 12.86 24.00
N VAL C 102 4.88 12.94 24.98
CA VAL C 102 4.70 12.56 26.41
C VAL C 102 3.97 13.65 27.23
N GLN C 103 4.44 14.91 27.11
CA GLN C 103 3.95 16.11 27.81
C GLN C 103 2.44 16.24 27.91
N ASP C 104 1.75 16.07 26.77
CA ASP C 104 0.31 16.20 26.61
C ASP C 104 -0.43 14.86 26.74
N ARG C 105 0.25 13.84 27.29
CA ARG C 105 -0.25 12.46 27.48
C ARG C 105 -0.71 11.90 26.13
N ALA C 106 0.05 12.20 25.07
CA ALA C 106 -0.34 11.78 23.73
C ALA C 106 0.64 10.80 23.11
N GLU C 107 1.37 9.98 23.92
CA GLU C 107 2.33 8.97 23.42
CA GLU C 107 2.33 9.01 23.37
C GLU C 107 1.60 8.04 22.44
N THR C 108 2.31 7.33 21.54
CA THR C 108 1.59 6.35 20.71
C THR C 108 1.53 5.09 21.61
N THR C 109 0.33 4.50 21.78
CA THR C 109 0.13 3.38 22.71
C THR C 109 -0.53 2.21 21.98
N ILE C 110 -0.03 0.98 22.19
CA ILE C 110 -0.65 -0.26 21.67
C ILE C 110 -0.83 -1.17 22.90
N GLY C 111 -2.03 -1.74 23.07
CA GLY C 111 -2.30 -2.57 24.24
C GLY C 111 -1.77 -3.99 24.06
N ASP C 112 -2.63 -4.96 24.32
CA ASP C 112 -2.28 -6.38 24.32
C ASP C 112 -3.04 -7.19 23.29
N HIS C 113 -2.47 -8.33 22.87
CA HIS C 113 -3.13 -9.30 21.97
C HIS C 113 -3.59 -8.69 20.64
N ASN C 114 -2.83 -7.76 20.11
CA ASN C 114 -3.16 -7.12 18.84
C ASN C 114 -2.41 -7.82 17.72
N LEU C 115 -2.95 -7.72 16.49
CA LEU C 115 -2.32 -8.29 15.31
C LEU C 115 -2.25 -7.14 14.31
N ILE C 116 -1.03 -6.68 14.03
CA ILE C 116 -0.81 -5.56 13.10
C ILE C 116 -0.12 -6.19 11.90
N MET C 117 -0.86 -6.31 10.78
CA MET C 117 -0.45 -7.10 9.63
C MET C 117 0.42 -6.32 8.67
N ALA C 118 1.04 -7.03 7.70
CA ALA C 118 2.07 -6.46 6.85
C ALA C 118 1.80 -5.07 6.34
N TYR C 119 2.84 -4.23 6.41
CA TYR C 119 2.82 -2.83 5.88
C TYR C 119 1.79 -1.92 6.48
N ALA C 120 1.13 -2.34 7.58
CA ALA C 120 0.22 -1.41 8.28
C ALA C 120 1.02 -0.19 8.78
N HIS C 121 0.33 0.96 8.98
CA HIS C 121 1.00 2.15 9.44
C HIS C 121 0.24 2.73 10.63
N ILE C 122 0.95 2.95 11.75
CA ILE C 122 0.33 3.54 12.93
C ILE C 122 0.97 4.91 13.15
N GLY C 123 0.21 5.95 12.84
CA GLY C 123 0.71 7.31 12.89
C GLY C 123 0.83 7.82 14.31
N HIS C 124 1.63 8.88 14.49
CA HIS C 124 1.88 9.50 15.79
C HIS C 124 0.64 9.75 16.62
N ASP C 125 0.75 9.51 17.93
CA ASP C 125 -0.27 9.77 18.94
C ASP C 125 -1.52 8.87 18.83
N SER C 126 -1.46 7.83 18.02
CA SER C 126 -2.56 6.86 17.89
C SER C 126 -2.60 5.98 19.14
N VAL C 127 -3.80 5.47 19.49
CA VAL C 127 -3.99 4.62 20.66
C VAL C 127 -4.75 3.39 20.18
N ILE C 128 -4.13 2.21 20.29
CA ILE C 128 -4.80 0.96 19.95
C ILE C 128 -4.99 0.21 21.27
N GLY C 129 -6.21 -0.28 21.48
CA GLY C 129 -6.60 -1.05 22.65
C GLY C 129 -6.07 -2.47 22.60
N ASN C 130 -6.95 -3.42 22.95
CA ASN C 130 -6.64 -4.85 23.03
C ASN C 130 -7.38 -5.65 22.01
N HIS C 131 -6.78 -6.75 21.54
CA HIS C 131 -7.46 -7.72 20.65
C HIS C 131 -7.91 -7.14 19.32
N CYS C 132 -7.21 -6.11 18.85
CA CYS C 132 -7.50 -5.47 17.55
C CYS C 132 -6.78 -6.20 16.45
N ILE C 133 -7.28 -6.03 15.21
CA ILE C 133 -6.63 -6.57 14.03
C ILE C 133 -6.58 -5.46 13.01
N LEU C 134 -5.36 -5.05 12.61
CA LEU C 134 -5.17 -4.08 11.55
C LEU C 134 -4.63 -4.90 10.40
N VAL C 135 -5.43 -5.07 9.35
CA VAL C 135 -5.06 -5.96 8.23
C VAL C 135 -4.06 -5.24 7.33
N ASN C 136 -3.36 -5.97 6.46
CA ASN C 136 -2.35 -5.43 5.58
C ASN C 136 -2.61 -4.03 5.09
N ASN C 137 -1.59 -3.17 5.18
CA ASN C 137 -1.64 -1.81 4.62
C ASN C 137 -2.74 -0.92 5.18
N THR C 138 -3.31 -1.28 6.35
CA THR C 138 -4.21 -0.32 7.03
C THR C 138 -3.35 0.86 7.43
N ALA C 139 -3.87 2.10 7.34
CA ALA C 139 -3.07 3.25 7.72
C ALA C 139 -3.84 4.18 8.60
N LEU C 140 -3.31 4.46 9.79
CA LEU C 140 -3.95 5.40 10.73
C LEU C 140 -3.10 6.67 10.61
N ALA C 141 -3.65 7.75 10.05
CA ALA C 141 -2.88 8.98 9.81
C ALA C 141 -2.18 9.57 11.03
N GLY C 142 -2.83 9.52 12.17
CA GLY C 142 -2.31 10.12 13.40
C GLY C 142 -3.44 10.49 14.32
N HIS C 143 -3.19 10.42 15.64
CA HIS C 143 -4.20 10.76 16.66
C HIS C 143 -5.46 9.87 16.51
N VAL C 144 -5.33 8.64 16.01
CA VAL C 144 -6.47 7.74 15.84
C VAL C 144 -6.62 6.87 17.08
N HIS C 145 -7.85 6.70 17.55
CA HIS C 145 -8.10 5.85 18.70
C HIS C 145 -8.86 4.61 18.22
N VAL C 146 -8.27 3.40 18.39
CA VAL C 146 -8.89 2.13 17.98
C VAL C 146 -9.24 1.36 19.25
N ASP C 147 -10.55 1.19 19.52
CA ASP C 147 -11.01 0.49 20.73
C ASP C 147 -10.97 -1.03 20.55
N ASP C 148 -11.09 -1.75 21.68
CA ASP C 148 -10.95 -3.20 21.72
C ASP C 148 -11.73 -3.99 20.67
N TRP C 149 -11.11 -5.05 20.13
CA TRP C 149 -11.71 -6.00 19.20
C TRP C 149 -12.05 -5.45 17.81
N ALA C 150 -11.65 -4.20 17.50
CA ALA C 150 -11.94 -3.63 16.18
C ALA C 150 -11.14 -4.37 15.14
N ILE C 151 -11.71 -4.52 13.95
CA ILE C 151 -11.03 -5.16 12.84
C ILE C 151 -11.04 -4.19 11.70
N LEU C 152 -9.88 -3.82 11.18
CA LEU C 152 -9.84 -2.91 10.03
C LEU C 152 -9.28 -3.75 8.85
N SER C 153 -10.12 -4.02 7.84
CA SER C 153 -9.73 -4.88 6.71
C SER C 153 -8.62 -4.22 5.91
N GLY C 154 -7.97 -5.01 5.07
CA GLY C 154 -6.83 -4.58 4.27
C GLY C 154 -7.03 -3.26 3.56
N TYR C 155 -6.00 -2.42 3.60
CA TYR C 155 -6.00 -1.12 2.93
C TYR C 155 -7.06 -0.13 3.45
N THR C 156 -7.47 -0.28 4.71
CA THR C 156 -8.39 0.70 5.30
C THR C 156 -7.57 1.95 5.60
N LEU C 157 -8.12 3.15 5.29
CA LEU C 157 -7.43 4.43 5.56
C LEU C 157 -8.22 5.15 6.61
N VAL C 158 -7.53 5.64 7.65
CA VAL C 158 -8.22 6.38 8.70
C VAL C 158 -7.67 7.79 8.82
N HIS C 159 -8.56 8.79 8.74
CA HIS C 159 -8.24 10.20 8.85
C HIS C 159 -7.76 10.52 10.26
N GLN C 160 -6.91 11.54 10.40
CA GLN C 160 -6.45 11.97 11.73
C GLN C 160 -7.64 12.25 12.62
N TYR C 161 -7.48 11.99 13.93
CA TYR C 161 -8.47 12.29 14.97
C TYR C 161 -9.68 11.36 14.98
N CYS C 162 -9.80 10.40 14.05
CA CYS C 162 -10.95 9.49 14.07
C CYS C 162 -10.89 8.50 15.20
N ARG C 163 -12.07 8.08 15.66
CA ARG C 163 -12.26 7.09 16.71
C ARG C 163 -12.94 5.89 16.06
N ILE C 164 -12.34 4.71 16.24
CA ILE C 164 -12.86 3.44 15.75
C ILE C 164 -13.38 2.69 16.98
N GLY C 165 -14.69 2.50 17.05
CA GLY C 165 -15.35 1.90 18.20
C GLY C 165 -15.05 0.44 18.45
N ALA C 166 -15.32 -0.01 19.67
CA ALA C 166 -15.05 -1.40 20.04
C ALA C 166 -15.87 -2.36 19.18
N HIS C 167 -15.27 -3.50 18.78
CA HIS C 167 -15.93 -4.53 17.96
C HIS C 167 -16.42 -4.04 16.57
N SER C 168 -15.94 -2.88 16.10
CA SER C 168 -16.37 -2.38 14.78
C SER C 168 -15.57 -3.06 13.70
N PHE C 169 -16.00 -2.88 12.46
CA PHE C 169 -15.38 -3.55 11.33
C PHE C 169 -15.39 -2.66 10.10
N SER C 170 -14.28 -2.62 9.37
CA SER C 170 -14.23 -1.91 8.09
C SER C 170 -13.96 -2.91 6.98
N GLY C 171 -14.62 -2.75 5.85
CA GLY C 171 -14.39 -3.57 4.67
C GLY C 171 -13.10 -3.17 4.01
N MET C 172 -12.56 -4.02 3.13
CA MET C 172 -11.28 -3.71 2.50
C MET C 172 -11.36 -2.40 1.71
N GLY C 173 -10.29 -1.62 1.73
CA GLY C 173 -10.24 -0.36 0.99
C GLY C 173 -11.12 0.75 1.52
N SER C 174 -11.66 0.64 2.75
CA SER C 174 -12.54 1.71 3.29
C SER C 174 -11.71 2.96 3.57
N ALA C 175 -12.28 4.18 3.34
CA ALA C 175 -11.61 5.44 3.62
C ALA C 175 -12.46 6.11 4.69
N ILE C 176 -12.03 6.00 5.95
CA ILE C 176 -12.78 6.50 7.10
C ILE C 176 -12.42 7.94 7.43
N GLY C 177 -13.41 8.83 7.37
CA GLY C 177 -13.20 10.26 7.65
C GLY C 177 -13.89 10.75 8.89
N LYS C 178 -14.79 9.94 9.45
CA LYS C 178 -15.60 10.28 10.63
C LYS C 178 -15.49 9.16 11.64
N ASP C 179 -16.05 9.33 12.82
CA ASP C 179 -15.99 8.29 13.85
C ASP C 179 -16.82 7.07 13.48
N VAL C 180 -16.33 5.88 13.85
CA VAL C 180 -17.04 4.64 13.62
C VAL C 180 -17.59 4.17 14.97
N PRO C 181 -18.92 4.21 15.19
CA PRO C 181 -19.44 3.76 16.48
C PRO C 181 -19.14 2.28 16.74
N ALA C 182 -19.10 1.90 18.02
CA ALA C 182 -18.88 0.53 18.46
C ALA C 182 -19.82 -0.42 17.70
N TYR C 183 -19.31 -1.61 17.29
CA TYR C 183 -20.03 -2.68 16.58
C TYR C 183 -20.43 -2.37 15.12
N VAL C 184 -20.30 -1.14 14.65
CA VAL C 184 -20.76 -0.77 13.31
C VAL C 184 -19.83 -1.33 12.24
N THR C 185 -20.43 -1.75 11.12
CA THR C 185 -19.66 -2.23 9.96
C THR C 185 -19.71 -1.12 8.93
N VAL C 186 -18.54 -0.76 8.41
CA VAL C 186 -18.42 0.33 7.42
C VAL C 186 -17.69 -0.16 6.18
N PHE C 187 -18.07 0.39 5.01
CA PHE C 187 -17.50 -0.01 3.73
C PHE C 187 -17.37 1.16 2.77
N GLY C 188 -16.39 1.06 1.88
CA GLY C 188 -16.22 1.98 0.78
C GLY C 188 -15.37 3.21 0.99
N ASN C 189 -15.22 3.97 -0.10
CA ASN C 189 -14.47 5.21 -0.14
C ASN C 189 -15.37 6.30 -0.78
N PRO C 190 -15.97 7.24 0.01
CA PRO C 190 -15.88 7.38 1.49
C PRO C 190 -16.67 6.29 2.24
N ALA C 191 -16.21 5.93 3.45
CA ALA C 191 -16.88 4.87 4.22
C ALA C 191 -18.33 5.17 4.56
N GLU C 192 -19.17 4.13 4.48
CA GLU C 192 -20.59 4.26 4.82
C GLU C 192 -20.94 3.15 5.79
N ALA C 193 -21.85 3.42 6.74
CA ALA C 193 -22.32 2.43 7.69
C ALA C 193 -23.25 1.48 6.95
N ARG C 194 -23.09 0.18 7.19
CA ARG C 194 -23.94 -0.83 6.58
C ARG C 194 -24.76 -1.58 7.63
N SER C 195 -24.11 -2.12 8.67
CA SER C 195 -24.82 -2.92 9.68
C SER C 195 -24.02 -2.99 10.99
N MET C 196 -24.32 -4.00 11.83
CA MET C 196 -23.64 -4.27 13.09
C MET C 196 -22.82 -5.55 12.88
N ASN C 197 -21.75 -5.71 13.67
CA ASN C 197 -20.84 -6.86 13.63
C ASN C 197 -21.46 -8.00 14.46
N PHE C 198 -22.52 -8.63 13.94
CA PHE C 198 -23.19 -9.73 14.63
C PHE C 198 -22.29 -10.96 14.80
N GLU C 199 -21.42 -11.23 13.81
CA GLU C 199 -20.46 -12.34 13.87
C GLU C 199 -19.52 -12.18 15.08
N GLY C 200 -18.99 -10.96 15.27
CA GLY C 200 -18.13 -10.63 16.40
C GLY C 200 -18.83 -10.80 17.73
N MET C 201 -20.12 -10.37 17.80
CA MET C 201 -20.95 -10.49 19.00
C MET C 201 -21.11 -11.97 19.40
N ARG C 202 -21.34 -12.86 18.41
CA ARG C 202 -21.50 -14.30 18.64
C ARG C 202 -20.21 -14.95 19.10
N ARG C 203 -19.06 -14.53 18.51
CA ARG C 203 -17.71 -15.03 18.87
C ARG C 203 -17.37 -14.68 20.33
N ARG C 204 -17.93 -13.57 20.85
CA ARG C 204 -17.73 -13.11 22.23
C ARG C 204 -18.74 -13.71 23.21
N GLY C 205 -19.66 -14.52 22.70
CA GLY C 205 -20.68 -15.19 23.50
C GLY C 205 -21.75 -14.26 24.04
N PHE C 206 -22.11 -13.21 23.26
CA PHE C 206 -23.17 -12.26 23.63
C PHE C 206 -24.51 -13.00 23.66
N SER C 207 -25.38 -12.67 24.63
CA SER C 207 -26.71 -13.29 24.75
C SER C 207 -27.60 -12.90 23.57
N SER C 208 -28.71 -13.64 23.37
CA SER C 208 -29.68 -13.39 22.29
C SER C 208 -30.36 -12.02 22.48
N GLU C 209 -30.59 -11.62 23.75
CA GLU C 209 -31.20 -10.34 24.12
C GLU C 209 -30.25 -9.18 23.78
N ALA C 210 -28.95 -9.32 24.13
CA ALA C 210 -27.92 -8.32 23.87
C ALA C 210 -27.75 -8.09 22.35
N ILE C 211 -27.72 -9.19 21.55
CA ILE C 211 -27.62 -9.15 20.08
C ILE C 211 -28.85 -8.46 19.47
N HIS C 212 -30.05 -8.70 20.05
CA HIS C 212 -31.29 -8.09 19.57
C HIS C 212 -31.41 -6.62 19.92
N ALA C 213 -31.01 -6.23 21.15
CA ALA C 213 -31.03 -4.83 21.61
C ALA C 213 -30.06 -3.96 20.78
N LEU C 214 -28.93 -4.53 20.33
CA LEU C 214 -27.96 -3.84 19.49
C LEU C 214 -28.50 -3.62 18.06
N ARG C 215 -29.25 -4.61 17.51
CA ARG C 215 -29.90 -4.50 16.20
C ARG C 215 -30.97 -3.39 16.24
N ARG C 216 -31.68 -3.27 17.39
CA ARG C 216 -32.69 -2.23 17.62
C ARG C 216 -32.02 -0.86 17.67
N ALA C 217 -30.85 -0.79 18.35
CA ALA C 217 -30.03 0.39 18.54
C ALA C 217 -29.53 0.98 17.20
N TYR C 218 -29.09 0.10 16.27
CA TYR C 218 -28.62 0.49 14.94
C TYR C 218 -29.73 1.20 14.17
N LYS C 219 -30.96 0.63 14.23
CA LYS C 219 -32.14 1.14 13.55
C LYS C 219 -32.54 2.52 14.06
N VAL C 220 -32.47 2.73 15.38
CA VAL C 220 -32.75 3.99 16.06
C VAL C 220 -31.81 5.10 15.55
N VAL C 221 -30.51 4.79 15.38
CA VAL C 221 -29.49 5.74 14.94
C VAL C 221 -29.47 5.97 13.41
N TYR C 222 -29.62 4.90 12.61
CA TYR C 222 -29.46 4.97 11.16
C TYR C 222 -30.67 4.76 10.25
N ARG C 223 -31.81 4.27 10.77
CA ARG C 223 -32.94 3.91 9.90
C ARG C 223 -34.26 4.61 10.17
N GLN C 224 -34.37 5.34 11.29
CA GLN C 224 -35.63 5.96 11.70
C GLN C 224 -35.66 7.49 11.58
N GLY C 225 -34.83 8.02 10.68
CA GLY C 225 -34.71 9.45 10.37
C GLY C 225 -34.47 10.38 11.54
N HIS C 226 -33.91 9.86 12.66
CA HIS C 226 -33.62 10.64 13.86
C HIS C 226 -32.29 11.36 13.74
N THR C 227 -32.17 12.52 14.42
CA THR C 227 -30.92 13.27 14.52
C THR C 227 -30.13 12.57 15.63
N VAL C 228 -28.80 12.81 15.70
CA VAL C 228 -27.92 12.21 16.71
C VAL C 228 -28.42 12.47 18.14
N GLU C 229 -28.82 13.73 18.43
CA GLU C 229 -29.35 14.15 19.73
C GLU C 229 -30.65 13.41 20.09
N GLU C 230 -31.51 13.15 19.08
CA GLU C 230 -32.78 12.42 19.22
C GLU C 230 -32.52 10.92 19.44
N ALA C 231 -31.55 10.35 18.69
CA ALA C 231 -31.17 8.95 18.78
C ALA C 231 -30.56 8.63 20.15
N LEU C 232 -29.67 9.52 20.66
CA LEU C 232 -29.03 9.36 21.97
C LEU C 232 -30.04 9.31 23.11
N ALA C 233 -31.16 10.06 22.97
CA ALA C 233 -32.24 10.10 23.95
C ALA C 233 -33.03 8.78 23.94
N GLU C 234 -33.35 8.24 22.75
CA GLU C 234 -34.09 6.99 22.58
C GLU C 234 -33.27 5.74 23.00
N LEU C 235 -31.93 5.86 23.05
CA LEU C 235 -31.01 4.78 23.44
C LEU C 235 -30.80 4.69 24.96
N ALA C 236 -31.02 5.79 25.70
CA ALA C 236 -30.80 5.93 27.15
C ALA C 236 -31.36 4.79 28.00
N GLU C 237 -32.61 4.36 27.73
CA GLU C 237 -33.28 3.26 28.45
C GLU C 237 -32.58 1.92 28.18
N SER C 238 -32.32 1.61 26.89
CA SER C 238 -31.66 0.38 26.45
C SER C 238 -30.21 0.28 26.95
N ALA C 239 -29.50 1.42 27.02
CA ALA C 239 -28.12 1.54 27.50
C ALA C 239 -28.02 1.23 29.00
N ALA C 240 -29.06 1.62 29.77
CA ALA C 240 -29.15 1.39 31.21
C ALA C 240 -29.29 -0.11 31.54
N GLN C 241 -30.07 -0.84 30.71
CA GLN C 241 -30.31 -2.28 30.89
C GLN C 241 -29.18 -3.14 30.35
N PHE C 242 -28.65 -2.81 29.16
CA PHE C 242 -27.59 -3.58 28.50
C PHE C 242 -26.25 -2.81 28.42
N PRO C 243 -25.19 -3.29 29.10
CA PRO C 243 -23.88 -2.60 29.03
C PRO C 243 -23.28 -2.50 27.62
N GLU C 244 -23.65 -3.42 26.71
CA GLU C 244 -23.16 -3.42 25.33
C GLU C 244 -23.81 -2.30 24.50
N VAL C 245 -25.07 -1.94 24.82
CA VAL C 245 -25.80 -0.84 24.18
C VAL C 245 -25.23 0.49 24.73
N ALA C 246 -24.74 0.48 25.99
CA ALA C 246 -24.08 1.61 26.64
C ALA C 246 -22.77 1.91 25.91
N VAL C 247 -22.04 0.85 25.49
CA VAL C 247 -20.79 0.94 24.72
C VAL C 247 -21.09 1.61 23.36
N PHE C 248 -22.23 1.26 22.72
CA PHE C 248 -22.68 1.82 21.44
C PHE C 248 -23.04 3.31 21.61
N ARG C 249 -23.88 3.62 22.62
CA ARG C 249 -24.32 4.97 22.97
C ARG C 249 -23.12 5.88 23.29
N ASP C 250 -22.17 5.40 24.14
CA ASP C 250 -20.98 6.14 24.55
C ASP C 250 -20.10 6.51 23.37
N SER C 251 -19.99 5.62 22.35
CA SER C 251 -19.19 5.89 21.16
C SER C 251 -19.81 6.98 20.30
N ILE C 252 -21.15 7.02 20.22
CA ILE C 252 -21.86 8.07 19.46
C ILE C 252 -21.73 9.42 20.21
N GLN C 253 -21.94 9.39 21.53
CA GLN C 253 -21.85 10.58 22.38
C GLN C 253 -20.46 11.24 22.37
N SER C 254 -19.38 10.43 22.29
CA SER C 254 -18.01 10.93 22.29
C SER C 254 -17.45 11.19 20.88
N ALA C 255 -18.29 11.11 19.84
CA ALA C 255 -17.85 11.35 18.45
C ALA C 255 -17.62 12.84 18.25
N THR C 256 -16.39 13.23 17.86
CA THR C 256 -16.04 14.64 17.67
C THR C 256 -16.07 15.07 16.21
N ARG C 257 -15.95 14.11 15.29
CA ARG C 257 -15.98 14.37 13.84
C ARG C 257 -17.32 13.94 13.22
N GLY C 258 -18.31 13.66 14.05
CA GLY C 258 -19.61 13.15 13.62
C GLY C 258 -19.50 11.64 13.43
N ILE C 259 -20.63 10.95 13.15
CA ILE C 259 -20.56 9.50 12.98
C ILE C 259 -20.58 9.08 11.51
N THR C 260 -19.93 7.95 11.18
CA THR C 260 -19.95 7.43 9.82
C THR C 260 -21.39 7.03 9.52
N ARG C 261 -21.89 7.47 8.36
CA ARG C 261 -23.26 7.21 7.96
C ARG C 261 -23.32 6.67 6.52
#